data_4U6L
# 
_entry.id   4U6L 
# 
_audit_conform.dict_name       mmcif_pdbx.dic 
_audit_conform.dict_version    5.395 
_audit_conform.dict_location   http://mmcif.pdb.org/dictionaries/ascii/mmcif_pdbx.dic 
# 
loop_
_database_2.database_id 
_database_2.database_code 
_database_2.pdbx_database_accession 
_database_2.pdbx_DOI 
PDB   4U6L         pdb_00004u6l 10.2210/pdb4u6l/pdb 
WWPDB D_1000202902 ?            ?                   
# 
loop_
_pdbx_audit_revision_history.ordinal 
_pdbx_audit_revision_history.data_content_type 
_pdbx_audit_revision_history.major_revision 
_pdbx_audit_revision_history.minor_revision 
_pdbx_audit_revision_history.revision_date 
1 'Structure model' 1 0 2015-08-19 
2 'Structure model' 1 1 2020-01-29 
3 'Structure model' 1 2 2022-07-06 
4 'Structure model' 1 3 2024-06-26 
# 
_pdbx_audit_revision_details.ordinal             1 
_pdbx_audit_revision_details.revision_ordinal    1 
_pdbx_audit_revision_details.data_content_type   'Structure model' 
_pdbx_audit_revision_details.provider            repository 
_pdbx_audit_revision_details.type                'Initial release' 
_pdbx_audit_revision_details.description         ? 
_pdbx_audit_revision_details.details             ? 
# 
loop_
_pdbx_audit_revision_group.ordinal 
_pdbx_audit_revision_group.revision_ordinal 
_pdbx_audit_revision_group.data_content_type 
_pdbx_audit_revision_group.group 
1 2 'Structure model' 'Data collection'        
2 2 'Structure model' 'Derived calculations'   
3 2 'Structure model' 'Refinement description' 
4 3 'Structure model' 'Database references'    
5 3 'Structure model' 'Derived calculations'   
6 4 'Structure model' 'Data collection'        
# 
loop_
_pdbx_audit_revision_category.ordinal 
_pdbx_audit_revision_category.revision_ordinal 
_pdbx_audit_revision_category.data_content_type 
_pdbx_audit_revision_category.category 
1  2 'Structure model' computing              
2  2 'Structure model' diffrn_source          
3  2 'Structure model' pdbx_struct_oper_list  
4  2 'Structure model' software               
5  3 'Structure model' citation               
6  3 'Structure model' database_2             
7  3 'Structure model' pdbx_struct_conn_angle 
8  3 'Structure model' struct_conn            
9  4 'Structure model' chem_comp_atom         
10 4 'Structure model' chem_comp_bond         
# 
loop_
_pdbx_audit_revision_item.ordinal 
_pdbx_audit_revision_item.revision_ordinal 
_pdbx_audit_revision_item.data_content_type 
_pdbx_audit_revision_item.item 
1  2 'Structure model' '_computing.pdbx_data_reduction_ds'         
2  2 'Structure model' '_diffrn_source.pdbx_synchrotron_site'      
3  2 'Structure model' '_pdbx_struct_oper_list.symmetry_operation' 
4  2 'Structure model' '_software.name'                            
5  3 'Structure model' '_citation.country'                         
6  3 'Structure model' '_citation.journal_abbrev'                  
7  3 'Structure model' '_citation.journal_id_CSD'                  
8  3 'Structure model' '_citation.journal_id_ISSN'                 
9  3 'Structure model' '_citation.journal_volume'                  
10 3 'Structure model' '_citation.page_first'                      
11 3 'Structure model' '_citation.page_last'                       
12 3 'Structure model' '_citation.pdbx_database_id_DOI'            
13 3 'Structure model' '_citation.pdbx_database_id_PubMed'         
14 3 'Structure model' '_citation.title'                           
15 3 'Structure model' '_citation.year'                            
16 3 'Structure model' '_database_2.pdbx_DOI'                      
17 3 'Structure model' '_database_2.pdbx_database_accession'       
18 3 'Structure model' '_pdbx_struct_conn_angle.ptnr1_auth_seq_id' 
19 3 'Structure model' '_pdbx_struct_conn_angle.ptnr3_auth_seq_id' 
20 3 'Structure model' '_pdbx_struct_conn_angle.value'             
21 3 'Structure model' '_struct_conn.pdbx_dist_value'              
22 3 'Structure model' '_struct_conn.ptnr2_auth_seq_id'            
# 
_pdbx_database_status.status_code                     REL 
_pdbx_database_status.status_code_sf                  REL 
_pdbx_database_status.status_code_mr                  ? 
_pdbx_database_status.entry_id                        4U6L 
_pdbx_database_status.recvd_initial_deposition_date   2014-07-29 
_pdbx_database_status.SG_entry                        N 
_pdbx_database_status.deposit_site                    RCSB 
_pdbx_database_status.process_site                    PDBJ 
_pdbx_database_status.status_code_cs                  ? 
_pdbx_database_status.methods_development_category    ? 
_pdbx_database_status.pdb_format_compatible           Y 
_pdbx_database_status.status_code_nmr_data            ? 
# 
loop_
_pdbx_database_related.db_name 
_pdbx_database_related.details 
_pdbx_database_related.db_id 
_pdbx_database_related.content_type 
PDB . 4U6K unspecified 
PDB . 4U6M unspecified 
# 
loop_
_audit_author.name 
_audit_author.pdbx_ordinal 
'Kondo, J.'    1 
'Nomura, Y.'   2 
'Kitahara, Y.' 3 
'Obika, S.'    4 
'Torigoe, H.'  5 
# 
_citation.abstract                  ? 
_citation.abstract_id_CAS           ? 
_citation.book_id_ISBN              ? 
_citation.book_publisher            ? 
_citation.book_publisher_city       ? 
_citation.book_title                ? 
_citation.coordinate_linkage        ? 
_citation.country                   UK 
_citation.database_id_Medline       ? 
_citation.details                   ? 
_citation.id                        primary 
_citation.journal_abbrev            'Chem.Commun.(Camb.)' 
_citation.journal_id_ASTM           ? 
_citation.journal_id_CSD            ? 
_citation.journal_id_ISSN           1364-548X 
_citation.journal_full              ? 
_citation.journal_issue             ? 
_citation.journal_volume            52 
_citation.language                  ? 
_citation.page_first                2354 
_citation.page_last                 2357 
_citation.title                     
;The crystal structure of a 2',4'-BNA(NC)[N-Me]-modified antisense gapmer in complex with the target RNA.
;
_citation.year                      2016 
_citation.database_id_CSD           ? 
_citation.pdbx_database_id_DOI      10.1039/c5cc08300a 
_citation.pdbx_database_id_PubMed   26731288 
_citation.unpublished_flag          ? 
# 
loop_
_citation_author.citation_id 
_citation_author.name 
_citation_author.ordinal 
_citation_author.identifier_ORCID 
primary 'Kondo, J.'    1 ? 
primary 'Nomura, Y.'   2 ? 
primary 'Kitahara, Y.' 3 ? 
primary 'Obika, S.'    4 ? 
primary 'Torigoe, H.'  5 ? 
# 
loop_
_entity.id 
_entity.type 
_entity.src_method 
_entity.pdbx_description 
_entity.formula_weight 
_entity.pdbx_number_of_molecules 
_entity.pdbx_ec 
_entity.pdbx_mutation 
_entity.pdbx_fragment 
_entity.details 
1 polymer     syn 
;RNA (5'-R(*GP*AP*AP*GP*AP*AP*GP*AP*G)-3')
;
2981.895 1  ? ? ? ? 
2 polymer     syn 
;DNA (5'-D(*(5CM)P*TP*CP*TP*TP*CP*TP*TP*(5CM))-3')
;
2660.788 1  ? ? ? ? 
3 non-polymer syn 'COBALT HEXAMMINE(III)'                             161.116  1  ? ? ? ? 
4 non-polymer syn 'STRONTIUM ION'                                     87.620   2  ? ? ? ? 
5 water       nat water                                               18.015   60 ? ? ? ? 
# 
loop_
_entity_poly.entity_id 
_entity_poly.type 
_entity_poly.nstd_linkage 
_entity_poly.nstd_monomer 
_entity_poly.pdbx_seq_one_letter_code 
_entity_poly.pdbx_seq_one_letter_code_can 
_entity_poly.pdbx_strand_id 
_entity_poly.pdbx_target_identifier 
1 polyribonucleotide      no no  GAAGAAGAG                                GAAGAAGAG A ? 
2 polydeoxyribonucleotide no yes '(5CM)(DT)(DC)(DT)(DT)(DC)(DT)(DT)(5CM)' CTCTTCTTC B ? 
# 
loop_
_pdbx_entity_nonpoly.entity_id 
_pdbx_entity_nonpoly.name 
_pdbx_entity_nonpoly.comp_id 
3 'COBALT HEXAMMINE(III)' NCO 
4 'STRONTIUM ION'         SR  
5 water                   HOH 
# 
loop_
_entity_poly_seq.entity_id 
_entity_poly_seq.num 
_entity_poly_seq.mon_id 
_entity_poly_seq.hetero 
1 1 G   n 
1 2 A   n 
1 3 A   n 
1 4 G   n 
1 5 A   n 
1 6 A   n 
1 7 G   n 
1 8 A   n 
1 9 G   n 
2 1 5CM n 
2 2 DT  n 
2 3 DC  n 
2 4 DT  n 
2 5 DT  n 
2 6 DC  n 
2 7 DT  n 
2 8 DT  n 
2 9 5CM n 
# 
loop_
_pdbx_entity_src_syn.entity_id 
_pdbx_entity_src_syn.pdbx_src_id 
_pdbx_entity_src_syn.pdbx_alt_source_flag 
_pdbx_entity_src_syn.pdbx_beg_seq_num 
_pdbx_entity_src_syn.pdbx_end_seq_num 
_pdbx_entity_src_syn.organism_scientific 
_pdbx_entity_src_syn.organism_common_name 
_pdbx_entity_src_syn.ncbi_taxonomy_id 
_pdbx_entity_src_syn.details 
1 1 sample 1 9 'synthetic construct' ? 32630 ? 
2 1 sample 1 9 'synthetic construct' ? 32630 ? 
# 
loop_
_chem_comp.id 
_chem_comp.type 
_chem_comp.mon_nstd_flag 
_chem_comp.name 
_chem_comp.pdbx_synonyms 
_chem_comp.formula 
_chem_comp.formula_weight 
5CM 'DNA linking' n "5-METHYL-2'-DEOXY-CYTIDINE-5'-MONOPHOSPHATE" ? 'C10 H16 N3 O7 P' 321.224 
A   'RNA linking' y "ADENOSINE-5'-MONOPHOSPHATE"                  ? 'C10 H14 N5 O7 P' 347.221 
DC  'DNA linking' y "2'-DEOXYCYTIDINE-5'-MONOPHOSPHATE"           ? 'C9 H14 N3 O7 P'  307.197 
DT  'DNA linking' y "THYMIDINE-5'-MONOPHOSPHATE"                  ? 'C10 H15 N2 O8 P' 322.208 
G   'RNA linking' y "GUANOSINE-5'-MONOPHOSPHATE"                  ? 'C10 H14 N5 O8 P' 363.221 
HOH non-polymer   . WATER                                         ? 'H2 O'            18.015  
NCO non-polymer   . 'COBALT HEXAMMINE(III)'                       ? 'Co H18 N6 3'     161.116 
SR  non-polymer   . 'STRONTIUM ION'                               ? 'Sr 2'            87.620  
# 
loop_
_pdbx_poly_seq_scheme.asym_id 
_pdbx_poly_seq_scheme.entity_id 
_pdbx_poly_seq_scheme.seq_id 
_pdbx_poly_seq_scheme.mon_id 
_pdbx_poly_seq_scheme.ndb_seq_num 
_pdbx_poly_seq_scheme.pdb_seq_num 
_pdbx_poly_seq_scheme.auth_seq_num 
_pdbx_poly_seq_scheme.pdb_mon_id 
_pdbx_poly_seq_scheme.auth_mon_id 
_pdbx_poly_seq_scheme.pdb_strand_id 
_pdbx_poly_seq_scheme.pdb_ins_code 
_pdbx_poly_seq_scheme.hetero 
A 1 1 G   1 1 1 G   G   A . n 
A 1 2 A   2 2 2 A   A   A . n 
A 1 3 A   3 3 3 A   A   A . n 
A 1 4 G   4 4 4 G   G   A . n 
A 1 5 A   5 5 5 A   A   A . n 
A 1 6 A   6 6 6 A   A   A . n 
A 1 7 G   7 7 7 G   G   A . n 
A 1 8 A   8 8 8 A   A   A . n 
A 1 9 G   9 9 9 G   G   A . n 
B 2 1 5CM 1 1 1 5CM ZZZ B . n 
B 2 2 DT  2 2 2 DT  DT  B . n 
B 2 3 DC  3 3 3 DC  DC  B . n 
B 2 4 DT  4 4 4 DT  DT  B . n 
B 2 5 DT  5 5 5 DT  DT  B . n 
B 2 6 DC  6 6 6 DC  DC  B . n 
B 2 7 DT  7 7 7 DT  DT  B . n 
B 2 8 DT  8 8 8 DT  DT  B . n 
B 2 9 5CM 9 9 9 5CM ZZZ B . n 
# 
loop_
_pdbx_nonpoly_scheme.asym_id 
_pdbx_nonpoly_scheme.entity_id 
_pdbx_nonpoly_scheme.mon_id 
_pdbx_nonpoly_scheme.ndb_seq_num 
_pdbx_nonpoly_scheme.pdb_seq_num 
_pdbx_nonpoly_scheme.auth_seq_num 
_pdbx_nonpoly_scheme.pdb_mon_id 
_pdbx_nonpoly_scheme.auth_mon_id 
_pdbx_nonpoly_scheme.pdb_strand_id 
_pdbx_nonpoly_scheme.pdb_ins_code 
C 3 NCO 1  101 51  NCO NCO A . 
D 4 SR  1  102 61  SR  SR2 A . 
E 4 SR  1  101 62  SR  SR2 B . 
F 5 HOH 1  201 119 HOH HOH A . 
F 5 HOH 2  202 131 HOH HOH A . 
F 5 HOH 3  203 158 HOH HOH A . 
F 5 HOH 4  204 122 HOH HOH A . 
F 5 HOH 5  205 118 HOH HOH A . 
F 5 HOH 6  206 137 HOH HOH A . 
F 5 HOH 7  207 156 HOH HOH A . 
F 5 HOH 8  208 141 HOH HOH A . 
F 5 HOH 9  209 157 HOH HOH A . 
F 5 HOH 10 210 160 HOH HOH A . 
F 5 HOH 11 211 127 HOH HOH A . 
F 5 HOH 12 212 159 HOH HOH A . 
F 5 HOH 13 213 103 HOH HOH A . 
F 5 HOH 14 214 106 HOH HOH A . 
F 5 HOH 15 215 107 HOH HOH A . 
F 5 HOH 16 216 116 HOH HOH A . 
F 5 HOH 17 217 121 HOH HOH A . 
F 5 HOH 18 218 124 HOH HOH A . 
F 5 HOH 19 219 134 HOH HOH A . 
F 5 HOH 20 220 138 HOH HOH A . 
F 5 HOH 21 221 139 HOH HOH A . 
F 5 HOH 22 222 140 HOH HOH A . 
F 5 HOH 23 223 146 HOH HOH A . 
F 5 HOH 24 224 149 HOH HOH A . 
F 5 HOH 25 225 150 HOH HOH A . 
F 5 HOH 26 226 151 HOH HOH A . 
G 5 HOH 1  201 123 HOH HOH B . 
G 5 HOH 2  202 111 HOH HOH B . 
G 5 HOH 3  203 110 HOH HOH B . 
G 5 HOH 4  204 104 HOH HOH B . 
G 5 HOH 5  205 115 HOH HOH B . 
G 5 HOH 6  206 133 HOH HOH B . 
G 5 HOH 7  207 101 HOH HOH B . 
G 5 HOH 8  208 113 HOH HOH B . 
G 5 HOH 9  209 152 HOH HOH B . 
G 5 HOH 10 210 128 HOH HOH B . 
G 5 HOH 11 211 129 HOH HOH B . 
G 5 HOH 12 212 126 HOH HOH B . 
G 5 HOH 13 213 136 HOH HOH B . 
G 5 HOH 14 214 120 HOH HOH B . 
G 5 HOH 15 215 148 HOH HOH B . 
G 5 HOH 16 216 102 HOH HOH B . 
G 5 HOH 17 217 105 HOH HOH B . 
G 5 HOH 18 218 108 HOH HOH B . 
G 5 HOH 19 219 109 HOH HOH B . 
G 5 HOH 20 220 112 HOH HOH B . 
G 5 HOH 21 221 114 HOH HOH B . 
G 5 HOH 22 222 117 HOH HOH B . 
G 5 HOH 23 223 125 HOH HOH B . 
G 5 HOH 24 224 130 HOH HOH B . 
G 5 HOH 25 225 132 HOH HOH B . 
G 5 HOH 26 226 135 HOH HOH B . 
G 5 HOH 27 227 142 HOH HOH B . 
G 5 HOH 28 228 143 HOH HOH B . 
G 5 HOH 29 229 144 HOH HOH B . 
G 5 HOH 30 230 145 HOH HOH B . 
G 5 HOH 31 231 147 HOH HOH B . 
G 5 HOH 32 232 153 HOH HOH B . 
G 5 HOH 33 233 154 HOH HOH B . 
G 5 HOH 34 234 155 HOH HOH B . 
# 
loop_
_software.citation_id 
_software.classification 
_software.compiler_name 
_software.compiler_version 
_software.contact_author 
_software.contact_author_email 
_software.date 
_software.description 
_software.dependencies 
_software.hardware 
_software.language 
_software.location 
_software.mods 
_software.name 
_software.os 
_software.os_version 
_software.type 
_software.version 
_software.pdbx_ordinal 
? 'data reduction'  ? ? ? ? ? ? ? ? ? ? ? CrystalClear ? ? ? . 1 
? phasing           ? ? ? ? ? ? ? ? ? ? ? PHENIX       ? ? ? . 2 
? refinement        ? ? ? ? ? ? ? ? ? ? ? CNS          ? ? ? . 3 
? 'data extraction' ? ? ? ? ? ? ? ? ? ? ? PDB_EXTRACT  ? ? ? . 4 
? 'model building'  ? ? ? ? ? ? ? ? ? ? ? SOLVE        ? ? ? . 5 
? 'data scaling'    ? ? ? ? ? ? ? ? ? ? ? d*TREK       ? ? ? . 6 
? phasing           ? ? ? ? ? ? ? ? ? ? ? SOLVE        ? ? ? . 7 
# 
_cell.length_a           48.520 
_cell.length_b           48.520 
_cell.length_c           46.520 
_cell.angle_alpha        90.000 
_cell.angle_beta         90.000 
_cell.angle_gamma        120.000 
_cell.entry_id           4U6L 
_cell.Z_PDB              6 
_cell.pdbx_unique_axis   ? 
# 
_symmetry.entry_id                         4U6L 
_symmetry.cell_setting                     ? 
_symmetry.Int_Tables_number                169 
_symmetry.space_group_name_Hall            ? 
_symmetry.space_group_name_H-M             'P 61' 
_symmetry.pdbx_full_space_group_name_H-M   ? 
# 
_exptl.absorpt_coefficient_mu     ? 
_exptl.absorpt_correction_T_max   ? 
_exptl.absorpt_correction_T_min   ? 
_exptl.absorpt_correction_type    ? 
_exptl.absorpt_process_details    ? 
_exptl.entry_id                   4U6L 
_exptl.crystals_number            1 
_exptl.details                    ? 
_exptl.method                     'X-RAY DIFFRACTION' 
_exptl.method_details             ? 
# 
_exptl_crystal.colour                      ? 
_exptl_crystal.density_diffrn              ? 
_exptl_crystal.density_Matthews            3.01 
_exptl_crystal.density_method              ? 
_exptl_crystal.density_percent_sol         59.18 
_exptl_crystal.description                 ? 
_exptl_crystal.F_000                       ? 
_exptl_crystal.id                          1 
_exptl_crystal.preparation                 ? 
_exptl_crystal.size_max                    ? 
_exptl_crystal.size_mid                    ? 
_exptl_crystal.size_min                    ? 
_exptl_crystal.size_rad                    ? 
_exptl_crystal.colour_lustre               ? 
_exptl_crystal.colour_modifier             ? 
_exptl_crystal.colour_primary              ? 
_exptl_crystal.density_meas                ? 
_exptl_crystal.density_meas_esd            ? 
_exptl_crystal.density_meas_gt             ? 
_exptl_crystal.density_meas_lt             ? 
_exptl_crystal.density_meas_temp           ? 
_exptl_crystal.density_meas_temp_esd       ? 
_exptl_crystal.density_meas_temp_gt        ? 
_exptl_crystal.density_meas_temp_lt        ? 
_exptl_crystal.pdbx_crystal_image_url      ? 
_exptl_crystal.pdbx_crystal_image_format   ? 
_exptl_crystal.pdbx_mosaicity              ? 
_exptl_crystal.pdbx_mosaicity_esd          ? 
# 
_exptl_crystal_grow.apparatus       ? 
_exptl_crystal_grow.atmosphere      ? 
_exptl_crystal_grow.crystal_id      1 
_exptl_crystal_grow.details         ? 
_exptl_crystal_grow.method          'VAPOR DIFFUSION, HANGING DROP' 
_exptl_crystal_grow.method_ref      ? 
_exptl_crystal_grow.pH              7.0 
_exptl_crystal_grow.pressure        ? 
_exptl_crystal_grow.pressure_esd    ? 
_exptl_crystal_grow.seeding         ? 
_exptl_crystal_grow.seeding_ref     ? 
_exptl_crystal_grow.temp            293 
_exptl_crystal_grow.temp_details    ? 
_exptl_crystal_grow.temp_esd        ? 
_exptl_crystal_grow.time            ? 
_exptl_crystal_grow.pdbx_details    'Na Cacodylate, Hexammine Cobalt Chloride, SrCl2, MPD' 
_exptl_crystal_grow.pdbx_pH_range   ? 
# 
_diffrn.ambient_environment    ? 
_diffrn.ambient_temp           100 
_diffrn.ambient_temp_details   ? 
_diffrn.ambient_temp_esd       ? 
_diffrn.crystal_id             1 
_diffrn.crystal_support        ? 
_diffrn.crystal_treatment      ? 
_diffrn.details                ? 
_diffrn.id                     1 
_diffrn.ambient_pressure       ? 
_diffrn.ambient_pressure_esd   ? 
_diffrn.ambient_pressure_gt    ? 
_diffrn.ambient_pressure_lt    ? 
_diffrn.ambient_temp_gt        ? 
_diffrn.ambient_temp_lt        ? 
# 
_diffrn_detector.details                      ? 
_diffrn_detector.detector                     CCD 
_diffrn_detector.diffrn_id                    1 
_diffrn_detector.type                         'ADSC QUANTUM 315r' 
_diffrn_detector.area_resol_mean              ? 
_diffrn_detector.dtime                        ? 
_diffrn_detector.pdbx_frames_total            ? 
_diffrn_detector.pdbx_collection_time_total   ? 
_diffrn_detector.pdbx_collection_date         2013-10-27 
# 
_diffrn_radiation.collimation                      ? 
_diffrn_radiation.diffrn_id                        1 
_diffrn_radiation.filter_edge                      ? 
_diffrn_radiation.inhomogeneity                    ? 
_diffrn_radiation.monochromator                    ? 
_diffrn_radiation.polarisn_norm                    ? 
_diffrn_radiation.polarisn_ratio                   ? 
_diffrn_radiation.probe                            ? 
_diffrn_radiation.type                             ? 
_diffrn_radiation.xray_symbol                      ? 
_diffrn_radiation.wavelength_id                    1 
_diffrn_radiation.pdbx_monochromatic_or_laue_m_l   M 
_diffrn_radiation.pdbx_wavelength_list             ? 
_diffrn_radiation.pdbx_wavelength                  ? 
_diffrn_radiation.pdbx_diffrn_protocol             MAD 
_diffrn_radiation.pdbx_analyzer                    ? 
_diffrn_radiation.pdbx_scattering_type             x-ray 
# 
loop_
_diffrn_radiation_wavelength.id 
_diffrn_radiation_wavelength.wavelength 
_diffrn_radiation_wavelength.wt 
1 1.60366 1.0 
2 1.60546 1.0 
3 1.0     1.0 
# 
_diffrn_source.current                     ? 
_diffrn_source.details                     ? 
_diffrn_source.diffrn_id                   1 
_diffrn_source.power                       ? 
_diffrn_source.size                        ? 
_diffrn_source.source                      SYNCHROTRON 
_diffrn_source.target                      ? 
_diffrn_source.type                        'PHOTON FACTORY BEAMLINE BL-5A' 
_diffrn_source.voltage                     ? 
_diffrn_source.take-off_angle              ? 
_diffrn_source.pdbx_wavelength_list        '1.60366, 1.60546, 1.0' 
_diffrn_source.pdbx_wavelength             ? 
_diffrn_source.pdbx_synchrotron_beamline   BL-5A 
_diffrn_source.pdbx_synchrotron_site       'Photon Factory' 
# 
_reflns.B_iso_Wilson_estimate            ? 
_reflns.entry_id                         4U6L 
_reflns.data_reduction_details           ? 
_reflns.data_reduction_method            ? 
_reflns.d_resolution_high                1.900 
_reflns.d_resolution_low                 42.020 
_reflns.details                          ? 
_reflns.limit_h_max                      ? 
_reflns.limit_h_min                      ? 
_reflns.limit_k_max                      ? 
_reflns.limit_k_min                      ? 
_reflns.limit_l_max                      ? 
_reflns.limit_l_min                      ? 
_reflns.number_all                       ? 
_reflns.number_obs                       4976 
_reflns.observed_criterion               ? 
_reflns.observed_criterion_F_max         ? 
_reflns.observed_criterion_F_min         ? 
_reflns.observed_criterion_I_max         ? 
_reflns.observed_criterion_I_min         ? 
_reflns.observed_criterion_sigma_F       ? 
_reflns.observed_criterion_sigma_I       ? 
_reflns.percent_possible_obs             99.800 
_reflns.R_free_details                   ? 
_reflns.Rmerge_F_all                     ? 
_reflns.Rmerge_F_obs                     ? 
_reflns.Friedel_coverage                 ? 
_reflns.number_gt                        ? 
_reflns.threshold_expression             ? 
_reflns.pdbx_redundancy                  10.760 
_reflns.pdbx_Rmerge_I_obs                0.030 
_reflns.pdbx_Rmerge_I_all                ? 
_reflns.pdbx_Rsym_value                  ? 
_reflns.pdbx_netI_over_av_sigmaI         ? 
_reflns.pdbx_netI_over_sigmaI            32.600 
_reflns.pdbx_res_netI_over_av_sigmaI_2   ? 
_reflns.pdbx_res_netI_over_sigmaI_2      ? 
_reflns.pdbx_chi_squared                 0.960 
_reflns.pdbx_scaling_rejects             405 
_reflns.pdbx_d_res_high_opt              ? 
_reflns.pdbx_d_res_low_opt               ? 
_reflns.pdbx_d_res_opt_method            ? 
_reflns.phase_calculation_details        ? 
_reflns.pdbx_Rrim_I_all                  ? 
_reflns.pdbx_Rpim_I_all                  ? 
_reflns.pdbx_d_opt                       ? 
_reflns.pdbx_number_measured_all         53970 
_reflns.pdbx_diffrn_id                   1 
_reflns.pdbx_ordinal                     1 
_reflns.pdbx_CC_half                     ? 
_reflns.pdbx_R_split                     ? 
# 
loop_
_reflns_shell.d_res_high 
_reflns_shell.d_res_low 
_reflns_shell.meanI_over_sigI_all 
_reflns_shell.meanI_over_sigI_obs 
_reflns_shell.number_measured_all 
_reflns_shell.number_measured_obs 
_reflns_shell.number_possible 
_reflns_shell.number_unique_all 
_reflns_shell.number_unique_obs 
_reflns_shell.percent_possible_all 
_reflns_shell.percent_possible_obs 
_reflns_shell.Rmerge_F_all 
_reflns_shell.Rmerge_F_obs 
_reflns_shell.Rmerge_I_all 
_reflns_shell.Rmerge_I_obs 
_reflns_shell.meanI_over_sigI_gt 
_reflns_shell.meanI_over_uI_all 
_reflns_shell.meanI_over_uI_gt 
_reflns_shell.number_measured_gt 
_reflns_shell.number_unique_gt 
_reflns_shell.percent_possible_gt 
_reflns_shell.Rmerge_F_gt 
_reflns_shell.Rmerge_I_gt 
_reflns_shell.pdbx_redundancy 
_reflns_shell.pdbx_Rsym_value 
_reflns_shell.pdbx_chi_squared 
_reflns_shell.pdbx_netI_over_sigmaI_all 
_reflns_shell.pdbx_netI_over_sigmaI_obs 
_reflns_shell.pdbx_Rrim_I_all 
_reflns_shell.pdbx_Rpim_I_all 
_reflns_shell.pdbx_rejects 
_reflns_shell.pdbx_ordinal 
_reflns_shell.pdbx_diffrn_id 
_reflns_shell.pdbx_CC_half 
_reflns_shell.pdbx_R_split 
1.900 1.970  ? 6.400   5493 ? ? 503 ? 100.000 ? ? ? ? 0.316 ? ? ? ? ? ? ? ? 10.830 ? 1.180 ? ? ? ? 44 1  1 ? ? 
1.970 2.050  ? 7.700   5415 ? ? 494 ? 100.000 ? ? ? ? 0.261 ? ? ? ? ? ? ? ? 10.850 ? 1.140 ? ? ? ? 53 2  1 ? ? 
2.050 2.140  ? 10.300  5356 ? ? 490 ? 100.000 ? ? ? ? 0.193 ? ? ? ? ? ? ? ? 10.810 ? 1.150 ? ? ? ? 61 3  1 ? ? 
2.140 2.250  ? 11.600  5422 ? ? 491 ? 100.000 ? ? ? ? 0.177 ? ? ? ? ? ? ? ? 10.910 ? 1.200 ? ? ? ? 63 4  1 ? ? 
2.250 2.390  ? 14.500  5553 ? ? 505 ? 100.000 ? ? ? ? 0.111 ? ? ? ? ? ? ? ? 10.910 ? 0.920 ? ? ? ? 42 5  1 ? ? 
2.390 2.580  ? 18.300  5404 ? ? 495 ? 100.000 ? ? ? ? 0.084 ? ? ? ? ? ? ? ? 10.860 ? 0.840 ? ? ? ? 26 6  1 ? ? 
2.580 2.840  ? 22.900  5447 ? ? 500 ? 100.000 ? ? ? ? 0.067 ? ? ? ? ? ? ? ? 10.840 ? 0.790 ? ? ? ? 27 7  1 ? ? 
2.840 3.250  ? 37.700  5283 ? ? 495 ? 100.000 ? ? ? ? 0.039 ? ? ? ? ? ? ? ? 10.600 ? 0.760 ? ? ? ? 35 8  1 ? ? 
3.250 4.090  ? 79.800  5049 ? ? 496 ? 100.000 ? ? ? ? 0.019 ? ? ? ? ? ? ? ? 10.120 ? 0.770 ? ? ? ? 30 9  1 ? ? 
4.090 42.020 ? 118.100 5548 ? ? 507 ? 98.100  ? ? ? ? 0.015 ? ? ? ? ? ? ? ? 10.900 ? 0.860 ? ? ? ? 24 10 1 ? ? 
# 
_refine.aniso_B[1][1]                            0.4270 
_refine.aniso_B[1][2]                            0.0000 
_refine.aniso_B[1][3]                            0.0000 
_refine.aniso_B[2][2]                            0.4270 
_refine.aniso_B[2][3]                            0.0000 
_refine.aniso_B[3][3]                            -0.8540 
_refine.B_iso_max                                101.050 
_refine.B_iso_mean                               36.1204 
_refine.B_iso_min                                22.100 
_refine.correlation_coeff_Fo_to_Fc               ? 
_refine.correlation_coeff_Fo_to_Fc_free          ? 
_refine.details                                  ? 
_refine.diff_density_max                         ? 
_refine.diff_density_max_esd                     ? 
_refine.diff_density_min                         ? 
_refine.diff_density_min_esd                     ? 
_refine.diff_density_rms                         ? 
_refine.diff_density_rms_esd                     ? 
_refine.entry_id                                 4U6L 
_refine.pdbx_refine_id                           'X-RAY DIFFRACTION' 
_refine.ls_abs_structure_details                 ? 
_refine.ls_abs_structure_Flack                   ? 
_refine.ls_abs_structure_Flack_esd               ? 
_refine.ls_abs_structure_Rogers                  ? 
_refine.ls_abs_structure_Rogers_esd              ? 
_refine.ls_d_res_high                            1.9000 
_refine.ls_d_res_low                             42.02 
_refine.ls_extinction_coef                       ? 
_refine.ls_extinction_coef_esd                   ? 
_refine.ls_extinction_expression                 ? 
_refine.ls_extinction_method                     ? 
_refine.ls_goodness_of_fit_all                   ? 
_refine.ls_goodness_of_fit_all_esd               ? 
_refine.ls_goodness_of_fit_obs                   ? 
_refine.ls_goodness_of_fit_obs_esd               ? 
_refine.ls_hydrogen_treatment                    ? 
_refine.ls_matrix_type                           ? 
_refine.ls_number_constraints                    ? 
_refine.ls_number_parameters                     ? 
_refine.ls_number_reflns_all                     ? 
_refine.ls_number_reflns_obs                     4975 
_refine.ls_number_reflns_R_free                  517 
_refine.ls_number_reflns_R_work                  4458 
_refine.ls_number_restraints                     ? 
_refine.ls_percent_reflns_obs                    99.8000 
_refine.ls_percent_reflns_R_free                 10.4000 
_refine.ls_R_factor_all                          ? 
_refine.ls_R_factor_obs                          ? 
_refine.ls_R_factor_R_free                       0.2752 
_refine.ls_R_factor_R_free_error                 ? 
_refine.ls_R_factor_R_free_error_details         ? 
_refine.ls_R_factor_R_work                       0.2505 
_refine.ls_R_Fsqd_factor_obs                     ? 
_refine.ls_R_I_factor_obs                        ? 
_refine.ls_redundancy_reflns_all                 ? 
_refine.ls_redundancy_reflns_obs                 ? 
_refine.ls_restrained_S_all                      ? 
_refine.ls_restrained_S_obs                      ? 
_refine.ls_shift_over_esd_max                    ? 
_refine.ls_shift_over_esd_mean                   ? 
_refine.ls_structure_factor_coef                 ? 
_refine.ls_weighting_details                     ? 
_refine.ls_weighting_scheme                      ? 
_refine.ls_wR_factor_all                         ? 
_refine.ls_wR_factor_obs                         ? 
_refine.ls_wR_factor_R_free                      ? 
_refine.ls_wR_factor_R_work                      ? 
_refine.occupancy_max                            ? 
_refine.occupancy_min                            ? 
_refine.solvent_model_details                    ? 
_refine.solvent_model_param_bsol                 69.6493 
_refine.solvent_model_param_ksol                 ? 
_refine.ls_R_factor_gt                           ? 
_refine.ls_goodness_of_fit_gt                    ? 
_refine.ls_goodness_of_fit_ref                   ? 
_refine.ls_shift_over_su_max                     ? 
_refine.ls_shift_over_su_max_lt                  ? 
_refine.ls_shift_over_su_mean                    ? 
_refine.ls_shift_over_su_mean_lt                 ? 
_refine.pdbx_ls_sigma_I                          ? 
_refine.pdbx_ls_sigma_F                          0.000 
_refine.pdbx_ls_sigma_Fsqd                       ? 
_refine.pdbx_data_cutoff_high_absF               ? 
_refine.pdbx_data_cutoff_high_rms_absF           ? 
_refine.pdbx_data_cutoff_low_absF                ? 
_refine.pdbx_isotropic_thermal_model             ? 
_refine.pdbx_ls_cross_valid_method               'FREE R-VALUE' 
_refine.pdbx_method_to_determine_struct          MAD 
_refine.pdbx_starting_model                      ? 
_refine.pdbx_stereochemistry_target_values       ? 
_refine.pdbx_R_Free_selection_details            ? 
_refine.pdbx_stereochem_target_val_spec_case     ? 
_refine.pdbx_overall_ESU_R                       ? 
_refine.pdbx_overall_ESU_R_Free                  ? 
_refine.pdbx_solvent_vdw_probe_radii             ? 
_refine.pdbx_solvent_ion_probe_radii             ? 
_refine.pdbx_solvent_shrinkage_radii             ? 
_refine.pdbx_real_space_R                        ? 
_refine.pdbx_density_correlation                 ? 
_refine.pdbx_pd_number_of_powder_patterns        ? 
_refine.pdbx_pd_number_of_points                 ? 
_refine.pdbx_pd_meas_number_of_points            ? 
_refine.pdbx_pd_proc_ls_prof_R_factor            ? 
_refine.pdbx_pd_proc_ls_prof_wR_factor           ? 
_refine.pdbx_pd_Marquardt_correlation_coeff      ? 
_refine.pdbx_pd_Fsqrd_R_factor                   ? 
_refine.pdbx_pd_ls_matrix_band_width             ? 
_refine.pdbx_overall_phase_error                 ? 
_refine.pdbx_overall_SU_R_free_Cruickshank_DPI   ? 
_refine.pdbx_overall_SU_R_free_Blow_DPI          ? 
_refine.pdbx_overall_SU_R_Blow_DPI               ? 
_refine.pdbx_TLS_residual_ADP_flag               ? 
_refine.pdbx_diffrn_id                           1 
_refine.overall_SU_B                             ? 
_refine.overall_SU_ML                            ? 
_refine.overall_SU_R_Cruickshank_DPI             ? 
_refine.overall_SU_R_free                        ? 
_refine.overall_FOM_free_R_set                   ? 
_refine.overall_FOM_work_R_set                   0.7831 
# 
_refine_hist.cycle_id                         final 
_refine_hist.pdbx_refine_id                   'X-RAY DIFFRACTION' 
_refine_hist.d_res_high                       1.9000 
_refine_hist.d_res_low                        42.02 
_refine_hist.pdbx_number_atoms_ligand         29 
_refine_hist.number_atoms_solvent             60 
_refine_hist.number_atoms_total               463 
_refine_hist.pdbx_number_residues_total       17 
_refine_hist.pdbx_B_iso_mean_ligand           44.25 
_refine_hist.pdbx_B_iso_mean_solvent          43.12 
_refine_hist.pdbx_number_atoms_protein        0 
_refine_hist.pdbx_number_atoms_nucleic_acid   374 
# 
loop_
_refine_ls_restr.pdbx_refine_id 
_refine_ls_restr.criterion 
_refine_ls_restr.dev_ideal 
_refine_ls_restr.dev_ideal_target 
_refine_ls_restr.number 
_refine_ls_restr.rejects 
_refine_ls_restr.type 
_refine_ls_restr.weight 
_refine_ls_restr.pdbx_restraint_function 
'X-RAY DIFFRACTION' ? 0.006 ?     ? ? c_bond_d     ? ? 
'X-RAY DIFFRACTION' ? 1.268 ?     ? ? c_angle_d    ? ? 
'X-RAY DIFFRACTION' ? 1.724 1.500 ? ? c_mcbond_it  ? ? 
'X-RAY DIFFRACTION' ? 2.328 2.000 ? ? c_mcangle_it ? ? 
# 
loop_
_refine_ls_shell.pdbx_refine_id 
_refine_ls_shell.d_res_high 
_refine_ls_shell.d_res_low 
_refine_ls_shell.number_reflns_all 
_refine_ls_shell.number_reflns_obs 
_refine_ls_shell.number_reflns_R_free 
_refine_ls_shell.number_reflns_R_work 
_refine_ls_shell.percent_reflns_obs 
_refine_ls_shell.percent_reflns_R_free 
_refine_ls_shell.R_factor_all 
_refine_ls_shell.R_factor_obs 
_refine_ls_shell.R_factor_R_free 
_refine_ls_shell.R_factor_R_free_error 
_refine_ls_shell.R_factor_R_work 
_refine_ls_shell.redundancy_reflns_all 
_refine_ls_shell.redundancy_reflns_obs 
_refine_ls_shell.wR_factor_all 
_refine_ls_shell.wR_factor_obs 
_refine_ls_shell.wR_factor_R_free 
_refine_ls_shell.wR_factor_R_work 
_refine_ls_shell.pdbx_total_number_of_bins_used 
_refine_ls_shell.pdbx_phase_error 
'X-RAY DIFFRACTION' 1.9000 1.9700 . . 52 449 100.0000 . . . 0.3465 . 0.3450 . . . . . . . . 
'X-RAY DIFFRACTION' 1.9700 2.0500 . . 68 426 100.0000 . . . 0.3246 . 0.3106 . . . . . . . . 
'X-RAY DIFFRACTION' 2.0500 2.1400 . . 45 443 100.0000 . . . 0.4005 . 0.3325 . . . . . . . . 
'X-RAY DIFFRACTION' 2.1400 2.2500 . . 47 448 100.0000 . . . 0.3785 . 0.3641 . . . . . . . . 
'X-RAY DIFFRACTION' 2.2500 2.3900 . . 45 460 100.0000 . . . 0.2918 . 0.3429 . . . . . . . . 
'X-RAY DIFFRACTION' 2.3900 2.5800 . . 54 441 100.0000 . . . 0.4266 . 0.3289 . . . . . . . . 
'X-RAY DIFFRACTION' 2.5800 2.8400 . . 49 451 100.0000 . . . 0.3933 . 0.3096 . . . . . . . . 
'X-RAY DIFFRACTION' 2.8400 3.2500 . . 56 439 100.0000 . . . 0.2431 . 0.2421 . . . . . . . . 
'X-RAY DIFFRACTION' 3.2500 4.0900 . . 55 441 100.0000 . . . 0.2362 . 0.1965 . . . . . . . . 
'X-RAY DIFFRACTION' 4.0900 42.02  . . 46 460 97.7000  . . . 0.2178 . 0.2103 . . . . . . . . 
# 
loop_
_pdbx_xplor_file.pdbx_refine_id 
_pdbx_xplor_file.serial_no 
_pdbx_xplor_file.param_file 
_pdbx_xplor_file.topol_file 
'X-RAY DIFFRACTION' 1 nco_xplor.param            ? 
'X-RAY DIFFRACTION' 2 dna-rna_201312.param       ? 
'X-RAY DIFFRACTION' 3 CNS_TOPPAR:water_rep.param ? 
'X-RAY DIFFRACTION' 4 CNS_TOPPAR:ion.param       ? 
# 
_struct.entry_id                     4U6L 
_struct.title                        'Crystal structure of DNA/RNA duplex obtained in the presence of [Co(NH3)6]Cl3 and SrCl2' 
_struct.pdbx_model_details           ? 
_struct.pdbx_formula_weight          ? 
_struct.pdbx_formula_weight_method   ? 
_struct.pdbx_model_type_details      ? 
_struct.pdbx_CASP_flag               ? 
# 
_struct_keywords.entry_id        4U6L 
_struct_keywords.text            'DNA/RNA hybrid duplex, antisense, DNA-RNA complex' 
_struct_keywords.pdbx_keywords   DNA/RNA 
# 
loop_
_struct_asym.id 
_struct_asym.pdbx_blank_PDB_chainid_flag 
_struct_asym.pdbx_modified 
_struct_asym.entity_id 
_struct_asym.details 
A N N 1 ? 
B N N 2 ? 
C N N 3 ? 
D N N 4 ? 
E N N 4 ? 
F N N 5 ? 
G N N 5 ? 
# 
loop_
_struct_ref.id 
_struct_ref.db_name 
_struct_ref.db_code 
_struct_ref.pdbx_db_accession 
_struct_ref.pdbx_db_isoform 
_struct_ref.entity_id 
_struct_ref.pdbx_seq_one_letter_code 
_struct_ref.pdbx_align_begin 
1 PDB 4U6L 4U6L ? 1 ? 1 
2 PDB 4U6L 4U6L ? 2 ? 1 
# 
loop_
_struct_ref_seq.align_id 
_struct_ref_seq.ref_id 
_struct_ref_seq.pdbx_PDB_id_code 
_struct_ref_seq.pdbx_strand_id 
_struct_ref_seq.seq_align_beg 
_struct_ref_seq.pdbx_seq_align_beg_ins_code 
_struct_ref_seq.seq_align_end 
_struct_ref_seq.pdbx_seq_align_end_ins_code 
_struct_ref_seq.pdbx_db_accession 
_struct_ref_seq.db_align_beg 
_struct_ref_seq.pdbx_db_align_beg_ins_code 
_struct_ref_seq.db_align_end 
_struct_ref_seq.pdbx_db_align_end_ins_code 
_struct_ref_seq.pdbx_auth_seq_align_beg 
_struct_ref_seq.pdbx_auth_seq_align_end 
1 1 4U6L A 1 ? 9 ? 4U6L 1 ? 9 ? 1 9 
2 2 4U6L B 1 ? 9 ? 4U6L 1 ? 9 ? 1 9 
# 
_pdbx_struct_assembly.id                   1 
_pdbx_struct_assembly.details              author_and_software_defined_assembly 
_pdbx_struct_assembly.method_details       PISA 
_pdbx_struct_assembly.oligomeric_details   dimeric 
_pdbx_struct_assembly.oligomeric_count     2 
# 
loop_
_pdbx_struct_assembly_prop.biol_id 
_pdbx_struct_assembly_prop.type 
_pdbx_struct_assembly_prop.value 
_pdbx_struct_assembly_prop.details 
1 'ABSA (A^2)' 1890 ? 
1 MORE         -37  ? 
1 'SSA (A^2)'  3540 ? 
# 
_pdbx_struct_assembly_gen.assembly_id       1 
_pdbx_struct_assembly_gen.oper_expression   1 
_pdbx_struct_assembly_gen.asym_id_list      A,B,C,D,E,F,G 
# 
_pdbx_struct_oper_list.id                   1 
_pdbx_struct_oper_list.type                 'identity operation' 
_pdbx_struct_oper_list.name                 1_555 
_pdbx_struct_oper_list.symmetry_operation   x,y,z 
_pdbx_struct_oper_list.matrix[1][1]         1.0000000000 
_pdbx_struct_oper_list.matrix[1][2]         0.0000000000 
_pdbx_struct_oper_list.matrix[1][3]         0.0000000000 
_pdbx_struct_oper_list.vector[1]            0.0000000000 
_pdbx_struct_oper_list.matrix[2][1]         0.0000000000 
_pdbx_struct_oper_list.matrix[2][2]         1.0000000000 
_pdbx_struct_oper_list.matrix[2][3]         0.0000000000 
_pdbx_struct_oper_list.vector[2]            0.0000000000 
_pdbx_struct_oper_list.matrix[3][1]         0.0000000000 
_pdbx_struct_oper_list.matrix[3][2]         0.0000000000 
_pdbx_struct_oper_list.matrix[3][3]         1.0000000000 
_pdbx_struct_oper_list.vector[3]            0.0000000000 
# 
loop_
_struct_conn.id 
_struct_conn.conn_type_id 
_struct_conn.pdbx_leaving_atom_flag 
_struct_conn.pdbx_PDB_id 
_struct_conn.ptnr1_label_asym_id 
_struct_conn.ptnr1_label_comp_id 
_struct_conn.ptnr1_label_seq_id 
_struct_conn.ptnr1_label_atom_id 
_struct_conn.pdbx_ptnr1_label_alt_id 
_struct_conn.pdbx_ptnr1_PDB_ins_code 
_struct_conn.pdbx_ptnr1_standard_comp_id 
_struct_conn.ptnr1_symmetry 
_struct_conn.ptnr2_label_asym_id 
_struct_conn.ptnr2_label_comp_id 
_struct_conn.ptnr2_label_seq_id 
_struct_conn.ptnr2_label_atom_id 
_struct_conn.pdbx_ptnr2_label_alt_id 
_struct_conn.pdbx_ptnr2_PDB_ins_code 
_struct_conn.ptnr1_auth_asym_id 
_struct_conn.ptnr1_auth_comp_id 
_struct_conn.ptnr1_auth_seq_id 
_struct_conn.ptnr2_auth_asym_id 
_struct_conn.ptnr2_auth_comp_id 
_struct_conn.ptnr2_auth_seq_id 
_struct_conn.ptnr2_symmetry 
_struct_conn.pdbx_ptnr3_label_atom_id 
_struct_conn.pdbx_ptnr3_label_seq_id 
_struct_conn.pdbx_ptnr3_label_comp_id 
_struct_conn.pdbx_ptnr3_label_asym_id 
_struct_conn.pdbx_ptnr3_label_alt_id 
_struct_conn.pdbx_ptnr3_PDB_ins_code 
_struct_conn.details 
_struct_conn.pdbx_dist_value 
_struct_conn.pdbx_value_order 
_struct_conn.pdbx_role 
covale1  covale both ? B 5CM 1 "O3'" ? ? ? 1_555 B DT  2 P  ? ? B 5CM 1   B DT  2   1_555 ? ? ? ? ? ? ?            1.608 ? ? 
covale2  covale both ? B DT  8 "O3'" ? ? ? 1_555 B 5CM 9 P  ? ? B DT  8   B 5CM 9   1_555 ? ? ? ? ? ? ?            1.611 ? ? 
metalc1  metalc ?    ? D SR  . SR    ? ? ? 1_555 F HOH . O  ? ? A SR  102 A HOH 219 1_555 ? ? ? ? ? ? ?            2.842 ? ? 
metalc2  metalc ?    ? D SR  . SR    ? ? ? 1_555 F HOH . O  ? ? A SR  102 A HOH 224 1_555 ? ? ? ? ? ? ?            2.712 ? ? 
metalc3  metalc ?    ? D SR  . SR    ? ? ? 1_555 F HOH . O  ? ? A SR  102 A HOH 225 1_555 ? ? ? ? ? ? ?            2.661 ? ? 
metalc4  metalc ?    ? D SR  . SR    ? ? ? 1_555 F HOH . O  ? ? A SR  102 A HOH 226 1_555 ? ? ? ? ? ? ?            2.877 ? ? 
hydrog1  hydrog ?    ? A G   1 N1    ? ? ? 1_555 B 5CM 9 N3 ? ? A G   1   B 5CM 9   1_555 ? ? ? ? ? ? WATSON-CRICK ?     ? ? 
hydrog2  hydrog ?    ? A G   1 N2    ? ? ? 1_555 B 5CM 9 O2 ? ? A G   1   B 5CM 9   1_555 ? ? ? ? ? ? WATSON-CRICK ?     ? ? 
hydrog3  hydrog ?    ? A G   1 O6    ? ? ? 1_555 B 5CM 9 N4 ? ? A G   1   B 5CM 9   1_555 ? ? ? ? ? ? WATSON-CRICK ?     ? ? 
hydrog4  hydrog ?    ? A A   2 N1    ? ? ? 1_555 B DT  8 N3 ? ? A A   2   B DT  8   1_555 ? ? ? ? ? ? WATSON-CRICK ?     ? ? 
hydrog5  hydrog ?    ? A A   2 N6    ? ? ? 1_555 B DT  8 O4 ? ? A A   2   B DT  8   1_555 ? ? ? ? ? ? WATSON-CRICK ?     ? ? 
hydrog6  hydrog ?    ? A A   3 N1    ? ? ? 1_555 B DT  7 N3 ? ? A A   3   B DT  7   1_555 ? ? ? ? ? ? WATSON-CRICK ?     ? ? 
hydrog7  hydrog ?    ? A A   3 N6    ? ? ? 1_555 B DT  7 O4 ? ? A A   3   B DT  7   1_555 ? ? ? ? ? ? WATSON-CRICK ?     ? ? 
hydrog8  hydrog ?    ? A G   4 N1    ? ? ? 1_555 B DC  6 N3 ? ? A G   4   B DC  6   1_555 ? ? ? ? ? ? WATSON-CRICK ?     ? ? 
hydrog9  hydrog ?    ? A G   4 N2    ? ? ? 1_555 B DC  6 O2 ? ? A G   4   B DC  6   1_555 ? ? ? ? ? ? WATSON-CRICK ?     ? ? 
hydrog10 hydrog ?    ? A G   4 O6    ? ? ? 1_555 B DC  6 N4 ? ? A G   4   B DC  6   1_555 ? ? ? ? ? ? WATSON-CRICK ?     ? ? 
hydrog11 hydrog ?    ? A A   5 N1    ? ? ? 1_555 B DT  5 N3 ? ? A A   5   B DT  5   1_555 ? ? ? ? ? ? WATSON-CRICK ?     ? ? 
hydrog12 hydrog ?    ? A A   5 N6    ? ? ? 1_555 B DT  5 O4 ? ? A A   5   B DT  5   1_555 ? ? ? ? ? ? WATSON-CRICK ?     ? ? 
hydrog13 hydrog ?    ? A A   6 N1    ? ? ? 1_555 B DT  4 N3 ? ? A A   6   B DT  4   1_555 ? ? ? ? ? ? WATSON-CRICK ?     ? ? 
hydrog14 hydrog ?    ? A A   6 N6    ? ? ? 1_555 B DT  4 O4 ? ? A A   6   B DT  4   1_555 ? ? ? ? ? ? WATSON-CRICK ?     ? ? 
hydrog15 hydrog ?    ? A G   7 N1    ? ? ? 1_555 B DC  3 N3 ? ? A G   7   B DC  3   1_555 ? ? ? ? ? ? WATSON-CRICK ?     ? ? 
hydrog16 hydrog ?    ? A G   7 N2    ? ? ? 1_555 B DC  3 O2 ? ? A G   7   B DC  3   1_555 ? ? ? ? ? ? WATSON-CRICK ?     ? ? 
hydrog17 hydrog ?    ? A G   7 O6    ? ? ? 1_555 B DC  3 N4 ? ? A G   7   B DC  3   1_555 ? ? ? ? ? ? WATSON-CRICK ?     ? ? 
hydrog18 hydrog ?    ? A A   8 N1    ? ? ? 1_555 B DT  2 N3 ? ? A A   8   B DT  2   1_555 ? ? ? ? ? ? WATSON-CRICK ?     ? ? 
hydrog19 hydrog ?    ? A A   8 N6    ? ? ? 1_555 B DT  2 O4 ? ? A A   8   B DT  2   1_555 ? ? ? ? ? ? WATSON-CRICK ?     ? ? 
hydrog20 hydrog ?    ? A G   9 N1    ? ? ? 1_555 B 5CM 1 N3 ? ? A G   9   B 5CM 1   1_555 ? ? ? ? ? ? WATSON-CRICK ?     ? ? 
hydrog21 hydrog ?    ? A G   9 N2    ? ? ? 1_555 B 5CM 1 O2 ? ? A G   9   B 5CM 1   1_555 ? ? ? ? ? ? WATSON-CRICK ?     ? ? 
hydrog22 hydrog ?    ? A G   9 O6    ? ? ? 1_555 B 5CM 1 N4 ? ? A G   9   B 5CM 1   1_555 ? ? ? ? ? ? WATSON-CRICK ?     ? ? 
# 
loop_
_struct_conn_type.id 
_struct_conn_type.criteria 
_struct_conn_type.reference 
covale ? ? 
metalc ? ? 
hydrog ? ? 
# 
loop_
_pdbx_struct_conn_angle.id 
_pdbx_struct_conn_angle.ptnr1_label_atom_id 
_pdbx_struct_conn_angle.ptnr1_label_alt_id 
_pdbx_struct_conn_angle.ptnr1_label_asym_id 
_pdbx_struct_conn_angle.ptnr1_label_comp_id 
_pdbx_struct_conn_angle.ptnr1_label_seq_id 
_pdbx_struct_conn_angle.ptnr1_auth_atom_id 
_pdbx_struct_conn_angle.ptnr1_auth_asym_id 
_pdbx_struct_conn_angle.ptnr1_auth_comp_id 
_pdbx_struct_conn_angle.ptnr1_auth_seq_id 
_pdbx_struct_conn_angle.ptnr1_PDB_ins_code 
_pdbx_struct_conn_angle.ptnr1_symmetry 
_pdbx_struct_conn_angle.ptnr2_label_atom_id 
_pdbx_struct_conn_angle.ptnr2_label_alt_id 
_pdbx_struct_conn_angle.ptnr2_label_asym_id 
_pdbx_struct_conn_angle.ptnr2_label_comp_id 
_pdbx_struct_conn_angle.ptnr2_label_seq_id 
_pdbx_struct_conn_angle.ptnr2_auth_atom_id 
_pdbx_struct_conn_angle.ptnr2_auth_asym_id 
_pdbx_struct_conn_angle.ptnr2_auth_comp_id 
_pdbx_struct_conn_angle.ptnr2_auth_seq_id 
_pdbx_struct_conn_angle.ptnr2_PDB_ins_code 
_pdbx_struct_conn_angle.ptnr2_symmetry 
_pdbx_struct_conn_angle.ptnr3_label_atom_id 
_pdbx_struct_conn_angle.ptnr3_label_alt_id 
_pdbx_struct_conn_angle.ptnr3_label_asym_id 
_pdbx_struct_conn_angle.ptnr3_label_comp_id 
_pdbx_struct_conn_angle.ptnr3_label_seq_id 
_pdbx_struct_conn_angle.ptnr3_auth_atom_id 
_pdbx_struct_conn_angle.ptnr3_auth_asym_id 
_pdbx_struct_conn_angle.ptnr3_auth_comp_id 
_pdbx_struct_conn_angle.ptnr3_auth_seq_id 
_pdbx_struct_conn_angle.ptnr3_PDB_ins_code 
_pdbx_struct_conn_angle.ptnr3_symmetry 
_pdbx_struct_conn_angle.value 
_pdbx_struct_conn_angle.value_esd 
1 O ? F HOH . ? A HOH 219 ? 1_555 SR ? D SR . ? A SR 102 ? 1_555 O ? F HOH . ? A HOH 224 ? 1_555 111.1 ? 
2 O ? F HOH . ? A HOH 219 ? 1_555 SR ? D SR . ? A SR 102 ? 1_555 O ? F HOH . ? A HOH 225 ? 1_555 131.4 ? 
3 O ? F HOH . ? A HOH 224 ? 1_555 SR ? D SR . ? A SR 102 ? 1_555 O ? F HOH . ? A HOH 225 ? 1_555 71.7  ? 
4 O ? F HOH . ? A HOH 219 ? 1_555 SR ? D SR . ? A SR 102 ? 1_555 O ? F HOH . ? A HOH 226 ? 1_555 108.4 ? 
5 O ? F HOH . ? A HOH 224 ? 1_555 SR ? D SR . ? A SR 102 ? 1_555 O ? F HOH . ? A HOH 226 ? 1_555 140.5 ? 
6 O ? F HOH . ? A HOH 225 ? 1_555 SR ? D SR . ? A SR 102 ? 1_555 O ? F HOH . ? A HOH 226 ? 1_555 80.8  ? 
# 
loop_
_struct_site.id 
_struct_site.pdbx_evidence_code 
_struct_site.pdbx_auth_asym_id 
_struct_site.pdbx_auth_comp_id 
_struct_site.pdbx_auth_seq_id 
_struct_site.pdbx_auth_ins_code 
_struct_site.pdbx_num_residues 
_struct_site.details 
AC1 Software A NCO 101 ? 5 'binding site for residue NCO A 101' 
AC2 Software A SR  102 ? 5 'binding site for residue SR A 102'  
# 
loop_
_struct_site_gen.id 
_struct_site_gen.site_id 
_struct_site_gen.pdbx_num_res 
_struct_site_gen.label_comp_id 
_struct_site_gen.label_asym_id 
_struct_site_gen.label_seq_id 
_struct_site_gen.pdbx_auth_ins_code 
_struct_site_gen.auth_comp_id 
_struct_site_gen.auth_asym_id 
_struct_site_gen.auth_seq_id 
_struct_site_gen.label_atom_id 
_struct_site_gen.label_alt_id 
_struct_site_gen.symmetry 
_struct_site_gen.details 
1  AC1 5 G   A 1 ? G   A 1   . ? 1_555 ? 
2  AC1 5 HOH F . ? HOH A 208 . ? 1_555 ? 
3  AC1 5 HOH F . ? HOH A 216 . ? 1_555 ? 
4  AC1 5 DT  B 4 ? DT  B 4   . ? 6_555 ? 
5  AC1 5 DT  B 5 ? DT  B 5   . ? 6_555 ? 
6  AC2 5 HOH F . ? HOH A 219 . ? 1_555 ? 
7  AC2 5 HOH F . ? HOH A 223 . ? 1_555 ? 
8  AC2 5 HOH F . ? HOH A 224 . ? 1_555 ? 
9  AC2 5 HOH F . ? HOH A 225 . ? 1_555 ? 
10 AC2 5 HOH F . ? HOH A 226 . ? 1_555 ? 
# 
_pdbx_validate_close_contact.id               1 
_pdbx_validate_close_contact.PDB_model_num    1 
_pdbx_validate_close_contact.auth_atom_id_1   O 
_pdbx_validate_close_contact.auth_asym_id_1   A 
_pdbx_validate_close_contact.auth_comp_id_1   HOH 
_pdbx_validate_close_contact.auth_seq_id_1    215 
_pdbx_validate_close_contact.PDB_ins_code_1   ? 
_pdbx_validate_close_contact.label_alt_id_1   ? 
_pdbx_validate_close_contact.auth_atom_id_2   O 
_pdbx_validate_close_contact.auth_asym_id_2   A 
_pdbx_validate_close_contact.auth_comp_id_2   HOH 
_pdbx_validate_close_contact.auth_seq_id_2    226 
_pdbx_validate_close_contact.PDB_ins_code_2   ? 
_pdbx_validate_close_contact.label_alt_id_2   ? 
_pdbx_validate_close_contact.dist             1.72 
# 
loop_
_pdbx_validate_rmsd_bond.id 
_pdbx_validate_rmsd_bond.PDB_model_num 
_pdbx_validate_rmsd_bond.auth_atom_id_1 
_pdbx_validate_rmsd_bond.auth_asym_id_1 
_pdbx_validate_rmsd_bond.auth_comp_id_1 
_pdbx_validate_rmsd_bond.auth_seq_id_1 
_pdbx_validate_rmsd_bond.PDB_ins_code_1 
_pdbx_validate_rmsd_bond.label_alt_id_1 
_pdbx_validate_rmsd_bond.auth_atom_id_2 
_pdbx_validate_rmsd_bond.auth_asym_id_2 
_pdbx_validate_rmsd_bond.auth_comp_id_2 
_pdbx_validate_rmsd_bond.auth_seq_id_2 
_pdbx_validate_rmsd_bond.PDB_ins_code_2 
_pdbx_validate_rmsd_bond.label_alt_id_2 
_pdbx_validate_rmsd_bond.bond_value 
_pdbx_validate_rmsd_bond.bond_target_value 
_pdbx_validate_rmsd_bond.bond_deviation 
_pdbx_validate_rmsd_bond.bond_standard_deviation 
_pdbx_validate_rmsd_bond.linker_flag 
1  1 P A A  2 ? ? OP1   A A  2 ? ? 1.605 1.485 0.120 0.017 N 
2  1 P A A  2 ? ? OP2   A A  2 ? ? 1.608 1.485 0.123 0.017 N 
3  1 P A A  3 ? ? OP1   A A  3 ? ? 1.592 1.485 0.107 0.017 N 
4  1 P A A  3 ? ? OP2   A A  3 ? ? 1.611 1.485 0.126 0.017 N 
5  1 P A G  4 ? ? OP1   A G  4 ? ? 1.612 1.485 0.127 0.017 N 
6  1 P A G  4 ? ? OP2   A G  4 ? ? 1.608 1.485 0.123 0.017 N 
7  1 P A A  5 ? ? OP1   A A  5 ? ? 1.605 1.485 0.120 0.017 N 
8  1 P A A  5 ? ? OP2   A A  5 ? ? 1.612 1.485 0.127 0.017 N 
9  1 P A A  5 ? ? "O5'" A A  5 ? ? 1.656 1.593 0.063 0.010 N 
10 1 P A A  6 ? ? OP1   A A  6 ? ? 1.609 1.485 0.124 0.017 N 
11 1 P A A  6 ? ? OP2   A A  6 ? ? 1.616 1.485 0.131 0.017 N 
12 1 P A G  7 ? ? OP1   A G  7 ? ? 1.602 1.485 0.117 0.017 N 
13 1 P A G  7 ? ? OP2   A G  7 ? ? 1.615 1.485 0.130 0.017 N 
14 1 P A A  8 ? ? OP1   A A  8 ? ? 1.610 1.485 0.125 0.017 N 
15 1 P A A  8 ? ? OP2   A A  8 ? ? 1.608 1.485 0.123 0.017 N 
16 1 P A G  9 ? ? OP1   A G  9 ? ? 1.595 1.485 0.110 0.017 N 
17 1 P A G  9 ? ? OP2   A G  9 ? ? 1.588 1.485 0.103 0.017 N 
18 1 P A G  9 ? ? "O5'" A G  9 ? ? 1.654 1.593 0.061 0.010 N 
19 1 P B DT 2 ? ? OP1   B DT 2 ? ? 1.601 1.485 0.116 0.017 N 
20 1 P B DT 2 ? ? OP2   B DT 2 ? ? 1.610 1.485 0.125 0.017 N 
21 1 P B DC 3 ? ? OP1   B DC 3 ? ? 1.597 1.485 0.112 0.017 N 
22 1 P B DC 3 ? ? OP2   B DC 3 ? ? 1.606 1.485 0.121 0.017 N 
23 1 P B DT 4 ? ? OP1   B DT 4 ? ? 1.603 1.485 0.118 0.017 N 
24 1 P B DT 4 ? ? OP2   B DT 4 ? ? 1.607 1.485 0.122 0.017 N 
25 1 P B DT 5 ? ? OP1   B DT 5 ? ? 1.600 1.485 0.115 0.017 N 
26 1 P B DT 5 ? ? OP2   B DT 5 ? ? 1.602 1.485 0.117 0.017 N 
27 1 P B DC 6 ? ? OP1   B DC 6 ? ? 1.588 1.485 0.103 0.017 N 
28 1 P B DC 6 ? ? OP2   B DC 6 ? ? 1.606 1.485 0.121 0.017 N 
29 1 P B DT 7 ? ? OP1   B DT 7 ? ? 1.596 1.485 0.111 0.017 N 
30 1 P B DT 7 ? ? OP2   B DT 7 ? ? 1.595 1.485 0.110 0.017 N 
31 1 P B DT 8 ? ? OP1   B DT 8 ? ? 1.598 1.485 0.113 0.017 N 
32 1 P B DT 8 ? ? OP2   B DT 8 ? ? 1.610 1.485 0.125 0.017 N 
# 
_pdbx_validate_rmsd_angle.id                         1 
_pdbx_validate_rmsd_angle.PDB_model_num              1 
_pdbx_validate_rmsd_angle.auth_atom_id_1             "O5'" 
_pdbx_validate_rmsd_angle.auth_asym_id_1             A 
_pdbx_validate_rmsd_angle.auth_comp_id_1             G 
_pdbx_validate_rmsd_angle.auth_seq_id_1              4 
_pdbx_validate_rmsd_angle.PDB_ins_code_1             ? 
_pdbx_validate_rmsd_angle.label_alt_id_1             ? 
_pdbx_validate_rmsd_angle.auth_atom_id_2             P 
_pdbx_validate_rmsd_angle.auth_asym_id_2             A 
_pdbx_validate_rmsd_angle.auth_comp_id_2             G 
_pdbx_validate_rmsd_angle.auth_seq_id_2              4 
_pdbx_validate_rmsd_angle.PDB_ins_code_2             ? 
_pdbx_validate_rmsd_angle.label_alt_id_2             ? 
_pdbx_validate_rmsd_angle.auth_atom_id_3             OP2 
_pdbx_validate_rmsd_angle.auth_asym_id_3             A 
_pdbx_validate_rmsd_angle.auth_comp_id_3             G 
_pdbx_validate_rmsd_angle.auth_seq_id_3              4 
_pdbx_validate_rmsd_angle.PDB_ins_code_3             ? 
_pdbx_validate_rmsd_angle.label_alt_id_3             ? 
_pdbx_validate_rmsd_angle.angle_value                100.24 
_pdbx_validate_rmsd_angle.angle_target_value         105.70 
_pdbx_validate_rmsd_angle.angle_deviation            -5.46 
_pdbx_validate_rmsd_angle.angle_standard_deviation   0.90 
_pdbx_validate_rmsd_angle.linker_flag                N 
# 
_diffrn_reflns.diffrn_id                   1 
_diffrn_reflns.pdbx_d_res_high             2.000 
_diffrn_reflns.pdbx_d_res_low              24.280 
_diffrn_reflns.pdbx_number_obs             8252 
_diffrn_reflns.pdbx_Rmerge_I_obs           0.033 
_diffrn_reflns.pdbx_Rsym_value             ? 
_diffrn_reflns.pdbx_chi_squared            0.95 
_diffrn_reflns.pdbx_redundancy             5.43 
_diffrn_reflns.pdbx_rejects                339 
_diffrn_reflns.pdbx_percent_possible_obs   99.50 
_diffrn_reflns.pdbx_observed_criterion     ? 
_diffrn_reflns.number                      45147 
_diffrn_reflns.limit_h_max                 ? 
_diffrn_reflns.limit_h_min                 ? 
_diffrn_reflns.limit_k_max                 ? 
_diffrn_reflns.limit_k_min                 ? 
_diffrn_reflns.limit_l_max                 ? 
_diffrn_reflns.limit_l_min                 ? 
# 
loop_
_pdbx_diffrn_reflns_shell.diffrn_id 
_pdbx_diffrn_reflns_shell.d_res_high 
_pdbx_diffrn_reflns_shell.d_res_low 
_pdbx_diffrn_reflns_shell.number_obs 
_pdbx_diffrn_reflns_shell.rejects 
_pdbx_diffrn_reflns_shell.Rmerge_I_obs 
_pdbx_diffrn_reflns_shell.Rsym_value 
_pdbx_diffrn_reflns_shell.chi_squared 
_pdbx_diffrn_reflns_shell.redundancy 
_pdbx_diffrn_reflns_shell.percent_possible_obs 
1 4.30 24.28 ? 16 0.015 ? 0.670 5.58 ? 
1 3.42 4.30  ? 29 0.027 ? 0.760 5.39 ? 
1 2.99 3.42  ? 49 0.041 ? 0.740 5.46 ? 
1 2.71 2.99  ? 47 0.060 ? 0.760 5.46 ? 
1 2.52 2.71  ? 57 0.080 ? 0.840 5.43 ? 
1 2.37 2.52  ? 32 0.120 ? 0.950 5.45 ? 
1 2.25 2.37  ? 25 0.181 ? 1.080 5.39 ? 
1 2.15 2.25  ? 23 0.277 ? 1.210 5.42 ? 
1 2.07 2.15  ? 26 0.308 ? 1.230 5.40 ? 
1 2.00 2.07  ? 35 0.379 ? 1.320 5.30 ? 
# 
_pdbx_phasing_dm.entry_id          4U6L 
_pdbx_phasing_dm.fom_acentric      0.460 
_pdbx_phasing_dm.fom_centric       0.510 
_pdbx_phasing_dm.fom               0.460 
_pdbx_phasing_dm.reflns_acentric   4680 
_pdbx_phasing_dm.reflns_centric    295 
_pdbx_phasing_dm.reflns            4975 
# 
loop_
_pdbx_phasing_dm_shell.d_res_high 
_pdbx_phasing_dm_shell.d_res_low 
_pdbx_phasing_dm_shell.delta_phi_final 
_pdbx_phasing_dm_shell.delta_phi_initial 
_pdbx_phasing_dm_shell.fom_acentric 
_pdbx_phasing_dm_shell.fom_centric 
_pdbx_phasing_dm_shell.fom 
_pdbx_phasing_dm_shell.reflns_acentric 
_pdbx_phasing_dm_shell.reflns_centric 
_pdbx_phasing_dm_shell.reflns 
1.900 2.000 ? ? 0.070 0.090 0.070 899  43 942  
2.000 2.400 ? ? 0.200 0.140 0.200 1402 64 1466 
2.400 2.700 ? ? 0.510 0.400 0.500 806  48 854  
2.700 3.400 ? ? 0.810 0.700 0.800 780  50 830  
3.400 5.400 ? ? 0.940 0.890 0.930 613  58 671  
# 
_phasing.method   MAD 
# 
loop_
_pdbx_distant_solvent_atoms.id 
_pdbx_distant_solvent_atoms.PDB_model_num 
_pdbx_distant_solvent_atoms.auth_atom_id 
_pdbx_distant_solvent_atoms.label_alt_id 
_pdbx_distant_solvent_atoms.auth_asym_id 
_pdbx_distant_solvent_atoms.auth_comp_id 
_pdbx_distant_solvent_atoms.auth_seq_id 
_pdbx_distant_solvent_atoms.PDB_ins_code 
_pdbx_distant_solvent_atoms.neighbor_macromolecule_distance 
_pdbx_distant_solvent_atoms.neighbor_ligand_distance 
1 1 O ? B HOH 227 ? 6.02  . 
2 1 O ? B HOH 228 ? 8.69  . 
3 1 O ? B HOH 229 ? 10.40 . 
4 1 O ? B HOH 233 ? 7.41  . 
# 
loop_
_chem_comp_atom.comp_id 
_chem_comp_atom.atom_id 
_chem_comp_atom.type_symbol 
_chem_comp_atom.pdbx_aromatic_flag 
_chem_comp_atom.pdbx_stereo_config 
_chem_comp_atom.pdbx_ordinal 
5CM N1     N  N N 1   
5CM C2     C  N N 2   
5CM N3     N  N N 3   
5CM C4     C  N N 4   
5CM C5     C  N N 5   
5CM C5A    C  N N 6   
5CM C6     C  N N 7   
5CM O2     O  N N 8   
5CM N4     N  N N 9   
5CM "C1'"  C  N R 10  
5CM "C2'"  C  N N 11  
5CM "C3'"  C  N S 12  
5CM "C4'"  C  N R 13  
5CM "O4'"  O  N N 14  
5CM "O3'"  O  N N 15  
5CM "C5'"  C  N N 16  
5CM "O5'"  O  N N 17  
5CM P      P  N N 18  
5CM OP1    O  N N 19  
5CM OP2    O  N N 20  
5CM OP3    O  N N 21  
5CM H5A1   H  N N 22  
5CM H5A2   H  N N 23  
5CM H5A3   H  N N 24  
5CM H6     H  N N 25  
5CM HN41   H  N N 26  
5CM HN42   H  N N 27  
5CM "H1'"  H  N N 28  
5CM "H2'"  H  N N 29  
5CM "H2''" H  N N 30  
5CM "H3'"  H  N N 31  
5CM "H4'"  H  N N 32  
5CM "HO3'" H  N N 33  
5CM "H5'"  H  N N 34  
5CM "H5''" H  N N 35  
5CM HOP2   H  N N 36  
5CM HOP3   H  N N 37  
A   OP3    O  N N 38  
A   P      P  N N 39  
A   OP1    O  N N 40  
A   OP2    O  N N 41  
A   "O5'"  O  N N 42  
A   "C5'"  C  N N 43  
A   "C4'"  C  N R 44  
A   "O4'"  O  N N 45  
A   "C3'"  C  N S 46  
A   "O3'"  O  N N 47  
A   "C2'"  C  N R 48  
A   "O2'"  O  N N 49  
A   "C1'"  C  N R 50  
A   N9     N  Y N 51  
A   C8     C  Y N 52  
A   N7     N  Y N 53  
A   C5     C  Y N 54  
A   C6     C  Y N 55  
A   N6     N  N N 56  
A   N1     N  Y N 57  
A   C2     C  Y N 58  
A   N3     N  Y N 59  
A   C4     C  Y N 60  
A   HOP3   H  N N 61  
A   HOP2   H  N N 62  
A   "H5'"  H  N N 63  
A   "H5''" H  N N 64  
A   "H4'"  H  N N 65  
A   "H3'"  H  N N 66  
A   "HO3'" H  N N 67  
A   "H2'"  H  N N 68  
A   "HO2'" H  N N 69  
A   "H1'"  H  N N 70  
A   H8     H  N N 71  
A   H61    H  N N 72  
A   H62    H  N N 73  
A   H2     H  N N 74  
DC  OP3    O  N N 75  
DC  P      P  N N 76  
DC  OP1    O  N N 77  
DC  OP2    O  N N 78  
DC  "O5'"  O  N N 79  
DC  "C5'"  C  N N 80  
DC  "C4'"  C  N R 81  
DC  "O4'"  O  N N 82  
DC  "C3'"  C  N S 83  
DC  "O3'"  O  N N 84  
DC  "C2'"  C  N N 85  
DC  "C1'"  C  N R 86  
DC  N1     N  N N 87  
DC  C2     C  N N 88  
DC  O2     O  N N 89  
DC  N3     N  N N 90  
DC  C4     C  N N 91  
DC  N4     N  N N 92  
DC  C5     C  N N 93  
DC  C6     C  N N 94  
DC  HOP3   H  N N 95  
DC  HOP2   H  N N 96  
DC  "H5'"  H  N N 97  
DC  "H5''" H  N N 98  
DC  "H4'"  H  N N 99  
DC  "H3'"  H  N N 100 
DC  "HO3'" H  N N 101 
DC  "H2'"  H  N N 102 
DC  "H2''" H  N N 103 
DC  "H1'"  H  N N 104 
DC  H41    H  N N 105 
DC  H42    H  N N 106 
DC  H5     H  N N 107 
DC  H6     H  N N 108 
DT  OP3    O  N N 109 
DT  P      P  N N 110 
DT  OP1    O  N N 111 
DT  OP2    O  N N 112 
DT  "O5'"  O  N N 113 
DT  "C5'"  C  N N 114 
DT  "C4'"  C  N R 115 
DT  "O4'"  O  N N 116 
DT  "C3'"  C  N S 117 
DT  "O3'"  O  N N 118 
DT  "C2'"  C  N N 119 
DT  "C1'"  C  N R 120 
DT  N1     N  N N 121 
DT  C2     C  N N 122 
DT  O2     O  N N 123 
DT  N3     N  N N 124 
DT  C4     C  N N 125 
DT  O4     O  N N 126 
DT  C5     C  N N 127 
DT  C7     C  N N 128 
DT  C6     C  N N 129 
DT  HOP3   H  N N 130 
DT  HOP2   H  N N 131 
DT  "H5'"  H  N N 132 
DT  "H5''" H  N N 133 
DT  "H4'"  H  N N 134 
DT  "H3'"  H  N N 135 
DT  "HO3'" H  N N 136 
DT  "H2'"  H  N N 137 
DT  "H2''" H  N N 138 
DT  "H1'"  H  N N 139 
DT  H3     H  N N 140 
DT  H71    H  N N 141 
DT  H72    H  N N 142 
DT  H73    H  N N 143 
DT  H6     H  N N 144 
G   OP3    O  N N 145 
G   P      P  N N 146 
G   OP1    O  N N 147 
G   OP2    O  N N 148 
G   "O5'"  O  N N 149 
G   "C5'"  C  N N 150 
G   "C4'"  C  N R 151 
G   "O4'"  O  N N 152 
G   "C3'"  C  N S 153 
G   "O3'"  O  N N 154 
G   "C2'"  C  N R 155 
G   "O2'"  O  N N 156 
G   "C1'"  C  N R 157 
G   N9     N  Y N 158 
G   C8     C  Y N 159 
G   N7     N  Y N 160 
G   C5     C  Y N 161 
G   C6     C  N N 162 
G   O6     O  N N 163 
G   N1     N  N N 164 
G   C2     C  N N 165 
G   N2     N  N N 166 
G   N3     N  N N 167 
G   C4     C  Y N 168 
G   HOP3   H  N N 169 
G   HOP2   H  N N 170 
G   "H5'"  H  N N 171 
G   "H5''" H  N N 172 
G   "H4'"  H  N N 173 
G   "H3'"  H  N N 174 
G   "HO3'" H  N N 175 
G   "H2'"  H  N N 176 
G   "HO2'" H  N N 177 
G   "H1'"  H  N N 178 
G   H8     H  N N 179 
G   H1     H  N N 180 
G   H21    H  N N 181 
G   H22    H  N N 182 
HOH O      O  N N 183 
HOH H1     H  N N 184 
HOH H2     H  N N 185 
NCO CO     CO N N 186 
NCO N1     N  N N 187 
NCO N2     N  N N 188 
NCO N3     N  N N 189 
NCO N4     N  N N 190 
NCO N5     N  N N 191 
NCO N6     N  N N 192 
NCO HN11   H  N N 193 
NCO HN12   H  N N 194 
NCO HN13   H  N N 195 
NCO HN21   H  N N 196 
NCO HN22   H  N N 197 
NCO HN23   H  N N 198 
NCO HN31   H  N N 199 
NCO HN32   H  N N 200 
NCO HN33   H  N N 201 
NCO HN41   H  N N 202 
NCO HN42   H  N N 203 
NCO HN43   H  N N 204 
NCO HN51   H  N N 205 
NCO HN52   H  N N 206 
NCO HN53   H  N N 207 
NCO HN61   H  N N 208 
NCO HN62   H  N N 209 
NCO HN63   H  N N 210 
SR  SR     SR N N 211 
# 
loop_
_chem_comp_bond.comp_id 
_chem_comp_bond.atom_id_1 
_chem_comp_bond.atom_id_2 
_chem_comp_bond.value_order 
_chem_comp_bond.pdbx_aromatic_flag 
_chem_comp_bond.pdbx_stereo_config 
_chem_comp_bond.pdbx_ordinal 
5CM N1    C2     sing N N 1   
5CM N1    C6     sing N N 2   
5CM N1    "C1'"  sing N N 3   
5CM C2    N3     sing N N 4   
5CM C2    O2     doub N N 5   
5CM N3    C4     doub N N 6   
5CM C4    C5     sing N N 7   
5CM C4    N4     sing N N 8   
5CM C5    C5A    sing N N 9   
5CM C5    C6     doub N N 10  
5CM C5A   H5A1   sing N N 11  
5CM C5A   H5A2   sing N N 12  
5CM C5A   H5A3   sing N N 13  
5CM C6    H6     sing N N 14  
5CM N4    HN41   sing N N 15  
5CM N4    HN42   sing N N 16  
5CM "C1'" "C2'"  sing N N 17  
5CM "C1'" "O4'"  sing N N 18  
5CM "C1'" "H1'"  sing N N 19  
5CM "C2'" "C3'"  sing N N 20  
5CM "C2'" "H2'"  sing N N 21  
5CM "C2'" "H2''" sing N N 22  
5CM "C3'" "C4'"  sing N N 23  
5CM "C3'" "O3'"  sing N N 24  
5CM "C3'" "H3'"  sing N N 25  
5CM "C4'" "O4'"  sing N N 26  
5CM "C4'" "C5'"  sing N N 27  
5CM "C4'" "H4'"  sing N N 28  
5CM "O3'" "HO3'" sing N N 29  
5CM "C5'" "O5'"  sing N N 30  
5CM "C5'" "H5'"  sing N N 31  
5CM "C5'" "H5''" sing N N 32  
5CM "O5'" P      sing N N 33  
5CM P     OP1    doub N N 34  
5CM P     OP2    sing N N 35  
5CM P     OP3    sing N N 36  
5CM OP2   HOP2   sing N N 37  
5CM OP3   HOP3   sing N N 38  
A   OP3   P      sing N N 39  
A   OP3   HOP3   sing N N 40  
A   P     OP1    doub N N 41  
A   P     OP2    sing N N 42  
A   P     "O5'"  sing N N 43  
A   OP2   HOP2   sing N N 44  
A   "O5'" "C5'"  sing N N 45  
A   "C5'" "C4'"  sing N N 46  
A   "C5'" "H5'"  sing N N 47  
A   "C5'" "H5''" sing N N 48  
A   "C4'" "O4'"  sing N N 49  
A   "C4'" "C3'"  sing N N 50  
A   "C4'" "H4'"  sing N N 51  
A   "O4'" "C1'"  sing N N 52  
A   "C3'" "O3'"  sing N N 53  
A   "C3'" "C2'"  sing N N 54  
A   "C3'" "H3'"  sing N N 55  
A   "O3'" "HO3'" sing N N 56  
A   "C2'" "O2'"  sing N N 57  
A   "C2'" "C1'"  sing N N 58  
A   "C2'" "H2'"  sing N N 59  
A   "O2'" "HO2'" sing N N 60  
A   "C1'" N9     sing N N 61  
A   "C1'" "H1'"  sing N N 62  
A   N9    C8     sing Y N 63  
A   N9    C4     sing Y N 64  
A   C8    N7     doub Y N 65  
A   C8    H8     sing N N 66  
A   N7    C5     sing Y N 67  
A   C5    C6     sing Y N 68  
A   C5    C4     doub Y N 69  
A   C6    N6     sing N N 70  
A   C6    N1     doub Y N 71  
A   N6    H61    sing N N 72  
A   N6    H62    sing N N 73  
A   N1    C2     sing Y N 74  
A   C2    N3     doub Y N 75  
A   C2    H2     sing N N 76  
A   N3    C4     sing Y N 77  
DC  OP3   P      sing N N 78  
DC  OP3   HOP3   sing N N 79  
DC  P     OP1    doub N N 80  
DC  P     OP2    sing N N 81  
DC  P     "O5'"  sing N N 82  
DC  OP2   HOP2   sing N N 83  
DC  "O5'" "C5'"  sing N N 84  
DC  "C5'" "C4'"  sing N N 85  
DC  "C5'" "H5'"  sing N N 86  
DC  "C5'" "H5''" sing N N 87  
DC  "C4'" "O4'"  sing N N 88  
DC  "C4'" "C3'"  sing N N 89  
DC  "C4'" "H4'"  sing N N 90  
DC  "O4'" "C1'"  sing N N 91  
DC  "C3'" "O3'"  sing N N 92  
DC  "C3'" "C2'"  sing N N 93  
DC  "C3'" "H3'"  sing N N 94  
DC  "O3'" "HO3'" sing N N 95  
DC  "C2'" "C1'"  sing N N 96  
DC  "C2'" "H2'"  sing N N 97  
DC  "C2'" "H2''" sing N N 98  
DC  "C1'" N1     sing N N 99  
DC  "C1'" "H1'"  sing N N 100 
DC  N1    C2     sing N N 101 
DC  N1    C6     sing N N 102 
DC  C2    O2     doub N N 103 
DC  C2    N3     sing N N 104 
DC  N3    C4     doub N N 105 
DC  C4    N4     sing N N 106 
DC  C4    C5     sing N N 107 
DC  N4    H41    sing N N 108 
DC  N4    H42    sing N N 109 
DC  C5    C6     doub N N 110 
DC  C5    H5     sing N N 111 
DC  C6    H6     sing N N 112 
DT  OP3   P      sing N N 113 
DT  OP3   HOP3   sing N N 114 
DT  P     OP1    doub N N 115 
DT  P     OP2    sing N N 116 
DT  P     "O5'"  sing N N 117 
DT  OP2   HOP2   sing N N 118 
DT  "O5'" "C5'"  sing N N 119 
DT  "C5'" "C4'"  sing N N 120 
DT  "C5'" "H5'"  sing N N 121 
DT  "C5'" "H5''" sing N N 122 
DT  "C4'" "O4'"  sing N N 123 
DT  "C4'" "C3'"  sing N N 124 
DT  "C4'" "H4'"  sing N N 125 
DT  "O4'" "C1'"  sing N N 126 
DT  "C3'" "O3'"  sing N N 127 
DT  "C3'" "C2'"  sing N N 128 
DT  "C3'" "H3'"  sing N N 129 
DT  "O3'" "HO3'" sing N N 130 
DT  "C2'" "C1'"  sing N N 131 
DT  "C2'" "H2'"  sing N N 132 
DT  "C2'" "H2''" sing N N 133 
DT  "C1'" N1     sing N N 134 
DT  "C1'" "H1'"  sing N N 135 
DT  N1    C2     sing N N 136 
DT  N1    C6     sing N N 137 
DT  C2    O2     doub N N 138 
DT  C2    N3     sing N N 139 
DT  N3    C4     sing N N 140 
DT  N3    H3     sing N N 141 
DT  C4    O4     doub N N 142 
DT  C4    C5     sing N N 143 
DT  C5    C7     sing N N 144 
DT  C5    C6     doub N N 145 
DT  C7    H71    sing N N 146 
DT  C7    H72    sing N N 147 
DT  C7    H73    sing N N 148 
DT  C6    H6     sing N N 149 
G   OP3   P      sing N N 150 
G   OP3   HOP3   sing N N 151 
G   P     OP1    doub N N 152 
G   P     OP2    sing N N 153 
G   P     "O5'"  sing N N 154 
G   OP2   HOP2   sing N N 155 
G   "O5'" "C5'"  sing N N 156 
G   "C5'" "C4'"  sing N N 157 
G   "C5'" "H5'"  sing N N 158 
G   "C5'" "H5''" sing N N 159 
G   "C4'" "O4'"  sing N N 160 
G   "C4'" "C3'"  sing N N 161 
G   "C4'" "H4'"  sing N N 162 
G   "O4'" "C1'"  sing N N 163 
G   "C3'" "O3'"  sing N N 164 
G   "C3'" "C2'"  sing N N 165 
G   "C3'" "H3'"  sing N N 166 
G   "O3'" "HO3'" sing N N 167 
G   "C2'" "O2'"  sing N N 168 
G   "C2'" "C1'"  sing N N 169 
G   "C2'" "H2'"  sing N N 170 
G   "O2'" "HO2'" sing N N 171 
G   "C1'" N9     sing N N 172 
G   "C1'" "H1'"  sing N N 173 
G   N9    C8     sing Y N 174 
G   N9    C4     sing Y N 175 
G   C8    N7     doub Y N 176 
G   C8    H8     sing N N 177 
G   N7    C5     sing Y N 178 
G   C5    C6     sing N N 179 
G   C5    C4     doub Y N 180 
G   C6    O6     doub N N 181 
G   C6    N1     sing N N 182 
G   N1    C2     sing N N 183 
G   N1    H1     sing N N 184 
G   C2    N2     sing N N 185 
G   C2    N3     doub N N 186 
G   N2    H21    sing N N 187 
G   N2    H22    sing N N 188 
G   N3    C4     sing N N 189 
HOH O     H1     sing N N 190 
HOH O     H2     sing N N 191 
NCO CO    N1     sing N N 192 
NCO CO    N2     sing N N 193 
NCO CO    N3     sing N N 194 
NCO CO    N4     sing N N 195 
NCO CO    N5     sing N N 196 
NCO CO    N6     sing N N 197 
NCO N1    HN11   sing N N 198 
NCO N1    HN12   sing N N 199 
NCO N1    HN13   sing N N 200 
NCO N2    HN21   sing N N 201 
NCO N2    HN22   sing N N 202 
NCO N2    HN23   sing N N 203 
NCO N3    HN31   sing N N 204 
NCO N3    HN32   sing N N 205 
NCO N3    HN33   sing N N 206 
NCO N4    HN41   sing N N 207 
NCO N4    HN42   sing N N 208 
NCO N4    HN43   sing N N 209 
NCO N5    HN51   sing N N 210 
NCO N5    HN52   sing N N 211 
NCO N5    HN53   sing N N 212 
NCO N6    HN61   sing N N 213 
NCO N6    HN62   sing N N 214 
NCO N6    HN63   sing N N 215 
# 
_ndb_struct_conf_na.entry_id   4U6L 
_ndb_struct_conf_na.feature    'a-form double helix' 
# 
loop_
_ndb_struct_na_base_pair.model_number 
_ndb_struct_na_base_pair.i_label_asym_id 
_ndb_struct_na_base_pair.i_label_comp_id 
_ndb_struct_na_base_pair.i_label_seq_id 
_ndb_struct_na_base_pair.i_symmetry 
_ndb_struct_na_base_pair.j_label_asym_id 
_ndb_struct_na_base_pair.j_label_comp_id 
_ndb_struct_na_base_pair.j_label_seq_id 
_ndb_struct_na_base_pair.j_symmetry 
_ndb_struct_na_base_pair.shear 
_ndb_struct_na_base_pair.stretch 
_ndb_struct_na_base_pair.stagger 
_ndb_struct_na_base_pair.buckle 
_ndb_struct_na_base_pair.propeller 
_ndb_struct_na_base_pair.opening 
_ndb_struct_na_base_pair.pair_number 
_ndb_struct_na_base_pair.pair_name 
_ndb_struct_na_base_pair.i_auth_asym_id 
_ndb_struct_na_base_pair.i_auth_seq_id 
_ndb_struct_na_base_pair.i_PDB_ins_code 
_ndb_struct_na_base_pair.j_auth_asym_id 
_ndb_struct_na_base_pair.j_auth_seq_id 
_ndb_struct_na_base_pair.j_PDB_ins_code 
_ndb_struct_na_base_pair.hbond_type_28 
_ndb_struct_na_base_pair.hbond_type_12 
1 A G 1 1_555 B 5CM 9 1_555 -0.379 -0.217 -0.144 -8.047  -13.316 2.788  1 A_G1:5CM9_B A 1 ? B 9 ? 19 1 
1 A A 2 1_555 B DT  8 1_555 0.101  -0.174 -0.132 -5.711  -15.865 3.288  2 A_A2:DT8_B  A 2 ? B 8 ? 20 1 
1 A A 3 1_555 B DT  7 1_555 0.026  -0.196 0.042  -6.362  -18.477 5.427  3 A_A3:DT7_B  A 3 ? B 7 ? 20 1 
1 A G 4 1_555 B DC  6 1_555 -0.251 -0.187 -0.253 -14.277 -13.470 -1.011 4 A_G4:DC6_B  A 4 ? B 6 ? 19 1 
1 A A 5 1_555 B DT  5 1_555 -0.112 -0.227 -0.399 -15.870 -9.070  -1.641 5 A_A5:DT5_B  A 5 ? B 5 ? 20 1 
1 A A 6 1_555 B DT  4 1_555 -0.194 -0.138 -0.006 1.718   -7.331  3.643  6 A_A6:DT4_B  A 6 ? B 4 ? 20 1 
1 A G 7 1_555 B DC  3 1_555 -0.358 -0.041 -0.259 -1.454  -12.998 1.304  7 A_G7:DC3_B  A 7 ? B 3 ? 19 1 
1 A A 8 1_555 B DT  2 1_555 -0.056 -0.120 -0.136 -2.960  -8.246  1.110  8 A_A8:DT2_B  A 8 ? B 2 ? 20 1 
1 A G 9 1_555 B 5CM 1 1_555 -0.181 -0.140 -0.135 5.390   -1.355  3.478  9 A_G9:5CM1_B A 9 ? B 1 ? 19 1 
# 
loop_
_ndb_struct_na_base_pair_step.model_number 
_ndb_struct_na_base_pair_step.i_label_asym_id_1 
_ndb_struct_na_base_pair_step.i_label_comp_id_1 
_ndb_struct_na_base_pair_step.i_label_seq_id_1 
_ndb_struct_na_base_pair_step.i_symmetry_1 
_ndb_struct_na_base_pair_step.j_label_asym_id_1 
_ndb_struct_na_base_pair_step.j_label_comp_id_1 
_ndb_struct_na_base_pair_step.j_label_seq_id_1 
_ndb_struct_na_base_pair_step.j_symmetry_1 
_ndb_struct_na_base_pair_step.i_label_asym_id_2 
_ndb_struct_na_base_pair_step.i_label_comp_id_2 
_ndb_struct_na_base_pair_step.i_label_seq_id_2 
_ndb_struct_na_base_pair_step.i_symmetry_2 
_ndb_struct_na_base_pair_step.j_label_asym_id_2 
_ndb_struct_na_base_pair_step.j_label_comp_id_2 
_ndb_struct_na_base_pair_step.j_label_seq_id_2 
_ndb_struct_na_base_pair_step.j_symmetry_2 
_ndb_struct_na_base_pair_step.shift 
_ndb_struct_na_base_pair_step.slide 
_ndb_struct_na_base_pair_step.rise 
_ndb_struct_na_base_pair_step.tilt 
_ndb_struct_na_base_pair_step.roll 
_ndb_struct_na_base_pair_step.twist 
_ndb_struct_na_base_pair_step.x_displacement 
_ndb_struct_na_base_pair_step.y_displacement 
_ndb_struct_na_base_pair_step.helical_rise 
_ndb_struct_na_base_pair_step.inclination 
_ndb_struct_na_base_pair_step.tip 
_ndb_struct_na_base_pair_step.helical_twist 
_ndb_struct_na_base_pair_step.step_number 
_ndb_struct_na_base_pair_step.step_name 
_ndb_struct_na_base_pair_step.i_auth_asym_id_1 
_ndb_struct_na_base_pair_step.i_auth_seq_id_1 
_ndb_struct_na_base_pair_step.i_PDB_ins_code_1 
_ndb_struct_na_base_pair_step.j_auth_asym_id_1 
_ndb_struct_na_base_pair_step.j_auth_seq_id_1 
_ndb_struct_na_base_pair_step.j_PDB_ins_code_1 
_ndb_struct_na_base_pair_step.i_auth_asym_id_2 
_ndb_struct_na_base_pair_step.i_auth_seq_id_2 
_ndb_struct_na_base_pair_step.i_PDB_ins_code_2 
_ndb_struct_na_base_pair_step.j_auth_asym_id_2 
_ndb_struct_na_base_pair_step.j_auth_seq_id_2 
_ndb_struct_na_base_pair_step.j_PDB_ins_code_2 
1 A G 1 1_555 B 5CM 9 1_555 A A 2 1_555 B DT  8 1_555 0.319  -0.979 3.243 0.586  2.787  35.766 -1.981 -0.436 3.165 4.528  -0.952 
35.876 1 AA_G1A2:DT85CM9_BB A 1 ? B 9 ? A 2 ? B 8 ? 
1 A A 2 1_555 B DT  8 1_555 A A 3 1_555 B DT  7 1_555 0.364  -1.090 3.303 -0.668 3.871  32.174 -2.628 -0.769 3.145 6.951  1.199  
32.407 2 AA_A2A3:DT7DT8_BB  A 2 ? B 8 ? A 3 ? B 7 ? 
1 A A 3 1_555 B DT  7 1_555 A G 4 1_555 B DC  6 1_555 -1.257 -1.214 3.473 -2.053 12.480 34.326 -3.684 1.719  2.937 20.311 3.342  
36.516 3 AA_A3G4:DC6DT7_BB  A 3 ? B 7 ? A 4 ? B 6 ? 
1 A G 4 1_555 B DC  6 1_555 A A 5 1_555 B DT  5 1_555 1.059  -1.809 3.453 4.497  13.933 28.763 -5.648 -1.139 2.471 26.027 -8.400 
32.205 4 AA_G4A5:DT5DC6_BB  A 4 ? B 6 ? A 5 ? B 5 ? 
1 A A 5 1_555 B DT  5 1_555 A A 6 1_555 B DT  4 1_555 0.656  -1.331 2.920 -0.977 2.660  26.448 -3.500 -1.649 2.750 5.792  2.127  
26.597 5 AA_A5A6:DT4DT5_BB  A 5 ? B 5 ? A 6 ? B 4 ? 
1 A A 6 1_555 B DT  4 1_555 A G 7 1_555 B DC  3 1_555 0.319  -1.648 3.550 0.956  7.265  29.565 -4.631 -0.412 3.076 13.967 -1.839 
30.440 6 AA_A6G7:DC3DT4_BB  A 6 ? B 4 ? A 7 ? B 3 ? 
1 A G 7 1_555 B DC  3 1_555 A A 8 1_555 B DT  2 1_555 -0.742 -1.542 3.238 -2.849 7.278  33.855 -3.645 0.829  2.905 12.296 4.813  
34.720 7 AA_G7A8:DT2DC3_BB  A 7 ? B 3 ? A 8 ? B 2 ? 
1 A A 8 1_555 B DT  2 1_555 A G 9 1_555 B 5CM 1 1_555 0.325  -1.778 3.051 1.304  4.125  29.958 -4.156 -0.385 2.798 7.928  -2.507 
30.261 8 AA_A8G9:5CM1DT2_BB A 8 ? B 2 ? A 9 ? B 1 ? 
# 
_atom_sites.entry_id                    4U6L 
_atom_sites.fract_transf_matrix[1][1]   0.00116629 
_atom_sites.fract_transf_matrix[1][2]   -0.01700402 
_atom_sites.fract_transf_matrix[1][3]   0.01660907 
_atom_sites.fract_transf_matrix[2][1]   -0.01861013 
_atom_sites.fract_transf_matrix[2][2]   -0.00397022 
_atom_sites.fract_transf_matrix[2][3]   0.01429144 
_atom_sites.fract_transf_matrix[3][1]   -0.00776042 
_atom_sites.fract_transf_matrix[3][2]   -0.01427722 
_atom_sites.fract_transf_matrix[3][3]   -0.01407178 
_atom_sites.fract_transf_vector[1]      0.453232 
_atom_sites.fract_transf_vector[2]      0.026585 
_atom_sites.fract_transf_vector[3]      -0.049945 
# 
loop_
_atom_type.symbol 
C  
CO 
N  
O  
P  
SR 
# 
loop_
_atom_site.group_PDB 
_atom_site.id 
_atom_site.type_symbol 
_atom_site.label_atom_id 
_atom_site.label_alt_id 
_atom_site.label_comp_id 
_atom_site.label_asym_id 
_atom_site.label_entity_id 
_atom_site.label_seq_id 
_atom_site.pdbx_PDB_ins_code 
_atom_site.Cartn_x 
_atom_site.Cartn_y 
_atom_site.Cartn_z 
_atom_site.occupancy 
_atom_site.B_iso_or_equiv 
_atom_site.pdbx_formal_charge 
_atom_site.auth_seq_id 
_atom_site.auth_comp_id 
_atom_site.auth_asym_id 
_atom_site.auth_atom_id 
_atom_site.pdbx_PDB_model_num 
ATOM   1   O  "O5'" . G   A 1 1 ? -9.227  5.403   4.852   1.00 45.21  ? 1   G   A "O5'" 1 
ATOM   2   C  "C5'" . G   A 1 1 ? -10.023 5.327   6.033   1.00 43.05  ? 1   G   A "C5'" 1 
ATOM   3   C  "C4'" . G   A 1 1 ? -10.833 3.994   6.097   1.00 41.95  ? 1   G   A "C4'" 1 
ATOM   4   O  "O4'" . G   A 1 1 ? -11.801 3.956   5.017   1.00 42.56  ? 1   G   A "O4'" 1 
ATOM   5   C  "C3'" . G   A 1 1 ? -10.014 2.726   5.934   1.00 41.62  ? 1   G   A "C3'" 1 
ATOM   6   O  "O3'" . G   A 1 1 ? -9.451  2.286   7.111   1.00 41.16  ? 1   G   A "O3'" 1 
ATOM   7   C  "C2'" . G   A 1 1 ? -11.037 1.738   5.382   1.00 40.94  ? 1   G   A "C2'" 1 
ATOM   8   O  "O2'" . G   A 1 1 ? -11.854 1.147   6.375   1.00 40.00  ? 1   G   A "O2'" 1 
ATOM   9   C  "C1'" . G   A 1 1 ? -11.880 2.645   4.486   1.00 40.79  ? 1   G   A "C1'" 1 
ATOM   10  N  N9    . G   A 1 1 ? -11.435 2.687   3.094   1.00 39.02  ? 1   G   A N9    1 
ATOM   11  C  C8    . G   A 1 1 ? -10.790 3.715   2.453   1.00 39.38  ? 1   G   A C8    1 
ATOM   12  N  N7    . G   A 1 1 ? -10.546 3.462   1.194   1.00 38.89  ? 1   G   A N7    1 
ATOM   13  C  C5    . G   A 1 1 ? -11.059 2.187   0.994   1.00 38.71  ? 1   G   A C5    1 
ATOM   14  C  C6    . G   A 1 1 ? -11.094 1.383   -0.178  1.00 38.99  ? 1   G   A C6    1 
ATOM   15  O  O6    . G   A 1 1 ? -10.677 1.657   -1.313  1.00 38.07  ? 1   G   A O6    1 
ATOM   16  N  N1    . G   A 1 1 ? -11.698 0.148   0.066   1.00 37.46  ? 1   G   A N1    1 
ATOM   17  C  C2    . G   A 1 1 ? -12.206 -0.252  1.284   1.00 37.24  ? 1   G   A C2    1 
ATOM   18  N  N2    . G   A 1 1 ? -12.742 -1.475  1.343   1.00 37.88  ? 1   G   A N2    1 
ATOM   19  N  N3    . G   A 1 1 ? -12.184 0.495   2.374   1.00 38.03  ? 1   G   A N3    1 
ATOM   20  C  C4    . G   A 1 1 ? -11.601 1.690   2.158   1.00 38.87  ? 1   G   A C4    1 
ATOM   21  P  P     . A   A 1 2 ? -7.978  1.658   7.090   1.00 40.49  ? 2   A   A P     1 
ATOM   22  O  OP1   . A   A 1 2 ? -7.413  1.470   8.581   1.00 42.20  ? 2   A   A OP1   1 
ATOM   23  O  OP2   . A   A 1 2 ? -7.067  2.327   5.946   1.00 41.27  ? 2   A   A OP2   1 
ATOM   24  O  "O5'" . A   A 1 2 ? -8.197  0.160   6.490   1.00 42.16  ? 2   A   A "O5'" 1 
ATOM   25  C  "C5'" . A   A 1 2 ? -9.135  -0.631  7.151   1.00 39.56  ? 2   A   A "C5'" 1 
ATOM   26  C  "C4'" . A   A 1 2 ? -9.586  -1.783  6.227   1.00 39.23  ? 2   A   A "C4'" 1 
ATOM   27  O  "O4'" . A   A 1 2 ? -10.176 -1.206  5.037   1.00 40.34  ? 2   A   A "O4'" 1 
ATOM   28  C  "C3'" . A   A 1 2 ? -8.454  -2.633  5.686   1.00 38.46  ? 2   A   A "C3'" 1 
ATOM   29  O  "O3'" . A   A 1 2 ? -8.058  -3.624  6.549   1.00 40.13  ? 2   A   A "O3'" 1 
ATOM   30  C  "C2'" . A   A 1 2 ? -9.075  -3.216  4.428   1.00 38.16  ? 2   A   A "C2'" 1 
ATOM   31  O  "O2'" . A   A 1 2 ? -9.933  -4.295  4.732   1.00 36.37  ? 2   A   A "O2'" 1 
ATOM   32  C  "C1'" . A   A 1 2 ? -9.895  -2.031  3.921   1.00 36.87  ? 2   A   A "C1'" 1 
ATOM   33  N  N9    . A   A 1 2 ? -9.237  -1.212  2.905   1.00 35.03  ? 2   A   A N9    1 
ATOM   34  C  C8    . A   A 1 2 ? -8.623  0.007   3.070   1.00 33.32  ? 2   A   A C8    1 
ATOM   35  N  N7    . A   A 1 2 ? -8.156  0.519   1.957   1.00 30.28  ? 2   A   A N7    1 
ATOM   36  C  C5    . A   A 1 2 ? -8.474  -0.431  0.993   1.00 32.91  ? 2   A   A C5    1 
ATOM   37  C  C6    . A   A 1 2 ? -8.255  -0.482  -0.401  1.00 30.79  ? 2   A   A C6    1 
ATOM   38  N  N6    . A   A 1 2 ? -7.658  0.489   -1.099  1.00 32.10  ? 2   A   A N6    1 
ATOM   39  N  N1    . A   A 1 2 ? -8.691  -1.578  -1.063  1.00 30.70  ? 2   A   A N1    1 
ATOM   40  C  C2    . A   A 1 2 ? -9.313  -2.541  -0.370  1.00 28.35  ? 2   A   A C2    1 
ATOM   41  N  N3    . A   A 1 2 ? -9.586  -2.603  0.937   1.00 31.55  ? 2   A   A N3    1 
ATOM   42  C  C4    . A   A 1 2 ? -9.134  -1.505  1.565   1.00 31.66  ? 2   A   A C4    1 
ATOM   43  P  P     . A   A 1 3 ? -6.521  -4.071  6.583   1.00 40.82  ? 3   A   A P     1 
ATOM   44  O  OP1   . A   A 1 3 ? -6.263  -5.106  7.765   1.00 40.23  ? 3   A   A OP1   1 
ATOM   45  O  OP2   . A   A 1 3 ? -5.545  -2.806  6.371   1.00 38.32  ? 3   A   A OP2   1 
ATOM   46  O  "O5'" . A   A 1 3 ? -6.303  -4.904  5.185   1.00 38.49  ? 3   A   A "O5'" 1 
ATOM   47  C  "C5'" . A   A 1 3 ? -7.038  -6.086  5.077   1.00 36.82  ? 3   A   A "C5'" 1 
ATOM   48  C  "C4'" . A   A 1 3 ? -7.123  -6.544  3.586   1.00 34.76  ? 3   A   A "C4'" 1 
ATOM   49  O  "O4'" . A   A 1 3 ? -7.704  -5.483  2.793   1.00 33.32  ? 3   A   A "O4'" 1 
ATOM   50  C  "C3'" . A   A 1 3 ? -5.817  -6.871  2.871   1.00 35.58  ? 3   A   A "C3'" 1 
ATOM   51  O  "O3'" . A   A 1 3 ? -5.368  -8.169  3.100   1.00 35.50  ? 3   A   A "O3'" 1 
ATOM   52  C  "C2'" . A   A 1 3 ? -6.226  -6.732  1.412   1.00 33.74  ? 3   A   A "C2'" 1 
ATOM   53  O  "O2'" . A   A 1 3 ? -6.895  -7.884  0.949   1.00 34.12  ? 3   A   A "O2'" 1 
ATOM   54  C  "C1'" . A   A 1 3 ? -7.186  -5.542  1.474   1.00 31.63  ? 3   A   A "C1'" 1 
ATOM   55  N  N9    . A   A 1 3 ? -6.521  -4.274  1.183   1.00 28.61  ? 3   A   A N9    1 
ATOM   56  C  C8    . A   A 1 3 ? -6.124  -3.295  2.061   1.00 28.36  ? 3   A   A C8    1 
ATOM   57  N  N7    . A   A 1 3 ? -5.556  -2.265  1.482   1.00 27.32  ? 3   A   A N7    1 
ATOM   58  C  C5    . A   A 1 3 ? -5.580  -2.584  0.130   1.00 24.86  ? 3   A   A C5    1 
ATOM   59  C  C6    . A   A 1 3 ? -5.126  -1.903  -1.015  1.00 26.43  ? 3   A   A C6    1 
ATOM   60  N  N6    . A   A 1 3 ? -4.554  -0.690  -0.984  1.00 24.41  ? 3   A   A N6    1 
ATOM   61  N  N1    . A   A 1 3 ? -5.285  -2.514  -2.212  1.00 25.26  ? 3   A   A N1    1 
ATOM   62  C  C2    . A   A 1 3 ? -5.867  -3.721  -2.245  1.00 26.01  ? 3   A   A C2    1 
ATOM   63  N  N3    . A   A 1 3 ? -6.345  -4.457  -1.240  1.00 26.46  ? 3   A   A N3    1 
ATOM   64  C  C4    . A   A 1 3 ? -6.165  -3.825  -0.066  1.00 27.78  ? 3   A   A C4    1 
ATOM   65  P  P     . G   A 1 4 ? -3.806  -8.526  2.913   1.00 39.67  ? 4   G   A P     1 
ATOM   66  O  OP1   . G   A 1 4 ? -3.483  -9.953  3.590   1.00 38.09  ? 4   G   A OP1   1 
ATOM   67  O  OP2   . G   A 1 4 ? -2.828  -7.275  3.159   1.00 34.81  ? 4   G   A OP2   1 
ATOM   68  O  "O5'" . G   A 1 4 ? -3.612  -8.735  1.291   1.00 38.41  ? 4   G   A "O5'" 1 
ATOM   69  C  "C5'" . G   A 1 4 ? -4.149  -9.886  0.710   1.00 40.14  ? 4   G   A "C5'" 1 
ATOM   70  C  "C4'" . G   A 1 4 ? -3.735  -9.967  -0.804  1.00 42.33  ? 4   G   A "C4'" 1 
ATOM   71  O  "O4'" . G   A 1 4 ? -4.403  -8.910  -1.553  1.00 41.34  ? 4   G   A "O4'" 1 
ATOM   72  C  "C3'" . G   A 1 4 ? -2.256  -9.760  -1.096  1.00 43.68  ? 4   G   A "C3'" 1 
ATOM   73  O  "O3'" . G   A 1 4 ? -1.460  -10.879 -0.942  1.00 47.47  ? 4   G   A "O3'" 1 
ATOM   74  C  "C2'" . G   A 1 4 ? -2.287  -9.272  -2.537  1.00 43.10  ? 4   G   A "C2'" 1 
ATOM   75  O  "O2'" . G   A 1 4 ? -2.501  -10.308 -3.475  1.00 44.13  ? 4   G   A "O2'" 1 
ATOM   76  C  "C1'" . G   A 1 4 ? -3.496  -8.339  -2.490  1.00 40.43  ? 4   G   A "C1'" 1 
ATOM   77  N  N9    . G   A 1 4 ? -3.148  -6.998  -2.029  1.00 37.45  ? 4   G   A N9    1 
ATOM   78  C  C8    . G   A 1 4 ? -3.285  -6.495  -0.755  1.00 35.24  ? 4   G   A C8    1 
ATOM   79  N  N7    . G   A 1 4 ? -2.915  -5.246  -0.655  1.00 34.49  ? 4   G   A N7    1 
ATOM   80  C  C5    . G   A 1 4 ? -2.502  -4.904  -1.937  1.00 32.31  ? 4   G   A C5    1 
ATOM   81  C  C6    . G   A 1 4 ? -2.004  -3.672  -2.446  1.00 30.08  ? 4   G   A C6    1 
ATOM   82  O  O6    . G   A 1 4 ? -1.847  -2.601  -1.845  1.00 28.25  ? 4   G   A O6    1 
ATOM   83  N  N1    . G   A 1 4 ? -1.683  -3.768  -3.801  1.00 29.89  ? 4   G   A N1    1 
ATOM   84  C  C2    . G   A 1 4 ? -1.830  -4.911  -4.572  1.00 34.06  ? 4   G   A C2    1 
ATOM   85  N  N2    . G   A 1 4 ? -1.459  -4.823  -5.862  1.00 32.18  ? 4   G   A N2    1 
ATOM   86  N  N3    . G   A 1 4 ? -2.307  -6.057  -4.107  1.00 32.63  ? 4   G   A N3    1 
ATOM   87  C  C4    . G   A 1 4 ? -2.623  -5.981  -2.794  1.00 35.14  ? 4   G   A C4    1 
ATOM   88  P  P     . A   A 1 5 ? -0.028  -10.743 -0.222  1.00 49.05  ? 5   A   A P     1 
ATOM   89  O  OP1   . A   A 1 5 ? 0.779   -12.121 -0.374  1.00 50.80  ? 5   A   A OP1   1 
ATOM   90  O  OP2   . A   A 1 5 ? -0.120  -10.006 1.209   1.00 50.46  ? 5   A   A OP2   1 
ATOM   91  O  "O5'" . A   A 1 5 ? 0.802   -9.615  -1.107  1.00 47.58  ? 5   A   A "O5'" 1 
ATOM   92  C  "C5'" . A   A 1 5 ? 1.118   -9.990  -2.419  1.00 45.17  ? 5   A   A "C5'" 1 
ATOM   93  C  "C4'" . A   A 1 5 ? 1.857   -8.827  -3.178  1.00 42.47  ? 5   A   A "C4'" 1 
ATOM   94  O  "O4'" . A   A 1 5 ? 1.000   -7.671  -3.343  1.00 38.63  ? 5   A   A "O4'" 1 
ATOM   95  C  "C3'" . A   A 1 5 ? 3.108   -8.222  -2.565  1.00 43.07  ? 5   A   A "C3'" 1 
ATOM   96  O  "O3'" . A   A 1 5 ? 4.240   -9.030  -2.612  1.00 46.24  ? 5   A   A "O3'" 1 
ATOM   97  C  "C2'" . A   A 1 5 ? 3.270   -6.971  -3.422  1.00 40.38  ? 5   A   A "C2'" 1 
ATOM   98  O  "O2'" . A   A 1 5 ? 3.862   -7.216  -4.680  1.00 41.79  ? 5   A   A "O2'" 1 
ATOM   99  C  "C1'" . A   A 1 5 ? 1.812   -6.537  -3.612  1.00 37.84  ? 5   A   A "C1'" 1 
ATOM   100 N  N9    . A   A 1 5 ? 1.455   -5.469  -2.680  1.00 34.46  ? 5   A   A N9    1 
ATOM   101 C  C8    . A   A 1 5 ? 0.901   -5.579  -1.434  1.00 33.41  ? 5   A   A C8    1 
ATOM   102 N  N7    . A   A 1 5 ? 0.759   -4.433  -0.816  1.00 33.69  ? 5   A   A N7    1 
ATOM   103 C  C5    . A   A 1 5 ? 1.242   -3.501  -1.725  1.00 31.51  ? 5   A   A C5    1 
ATOM   104 C  C6    . A   A 1 5 ? 1.372   -2.103  -1.669  1.00 31.64  ? 5   A   A C6    1 
ATOM   105 N  N6    . A   A 1 5 ? 1.013   -1.369  -0.614  1.00 30.03  ? 5   A   A N6    1 
ATOM   106 N  N1    . A   A 1 5 ? 1.889   -1.476  -2.747  1.00 31.46  ? 5   A   A N1    1 
ATOM   107 C  C2    . A   A 1 5 ? 2.237   -2.216  -3.809  1.00 32.91  ? 5   A   A C2    1 
ATOM   108 N  N3    . A   A 1 5 ? 2.159   -3.534  -3.980  1.00 30.79  ? 5   A   A N3    1 
ATOM   109 C  C4    . A   A 1 5 ? 1.653   -4.125  -2.887  1.00 33.12  ? 5   A   A C4    1 
ATOM   110 P  P     . A   A 1 6 ? 5.431   -8.801  -1.549  1.00 50.62  ? 6   A   A P     1 
ATOM   111 O  OP1   . A   A 1 6 ? 6.495   -10.007 -1.626  1.00 48.99  ? 6   A   A OP1   1 
ATOM   112 O  OP2   . A   A 1 6 ? 4.884   -8.291  -0.116  1.00 47.63  ? 6   A   A OP2   1 
ATOM   113 O  "O5'" . A   A 1 6 ? 6.212   -7.457  -2.077  1.00 44.97  ? 6   A   A "O5'" 1 
ATOM   114 C  "C5'" . A   A 1 6 ? 6.514   -7.433  -3.433  1.00 45.33  ? 6   A   A "C5'" 1 
ATOM   115 C  "C4'" . A   A 1 6 ? 6.863   -5.982  -3.887  1.00 44.45  ? 6   A   A "C4'" 1 
ATOM   116 O  "O4'" . A   A 1 6 ? 5.694   -5.119  -3.864  1.00 44.95  ? 6   A   A "O4'" 1 
ATOM   117 C  "C3'" . A   A 1 6 ? 7.867   -5.232  -3.036  1.00 45.04  ? 6   A   A "C3'" 1 
ATOM   118 O  "O3'" . A   A 1 6 ? 9.168   -5.633  -3.247  1.00 46.71  ? 6   A   A "O3'" 1 
ATOM   119 C  "C2'" . A   A 1 6 ? 7.635   -3.802  -3.502  1.00 43.88  ? 6   A   A "C2'" 1 
ATOM   120 O  "O2'" . A   A 1 6 ? 8.240   -3.543  -4.748  1.00 46.87  ? 6   A   A "O2'" 1 
ATOM   121 C  "C1'" . A   A 1 6 ? 6.108   -3.775  -3.642  1.00 42.27  ? 6   A   A "C1'" 1 
ATOM   122 N  N9    . A   A 1 6 ? 5.464   -3.299  -2.421  1.00 38.01  ? 6   A   A N9    1 
ATOM   123 C  C8    . A   A 1 6 ? 5.022   -4.057  -1.367  1.00 37.56  ? 6   A   A C8    1 
ATOM   124 N  N7    . A   A 1 6 ? 4.510   -3.353  -0.389  1.00 35.31  ? 6   A   A N7    1 
ATOM   125 C  C5    . A   A 1 6 ? 4.623   -2.045  -0.827  1.00 34.60  ? 6   A   A C5    1 
ATOM   126 C  C6    . A   A 1 6 ? 4.274   -0.823  -0.236  1.00 33.69  ? 6   A   A C6    1 
ATOM   127 N  N6    . A   A 1 6 ? 3.740   -0.724  0.978   1.00 33.96  ? 6   A   A N6    1 
ATOM   128 N  N1    . A   A 1 6 ? 4.506   0.307   -0.941  1.00 35.08  ? 6   A   A N1    1 
ATOM   129 C  C2    . A   A 1 6 ? 5.062   0.199   -2.153  1.00 34.29  ? 6   A   A C2    1 
ATOM   130 N  N3    . A   A 1 6 ? 5.445   -0.895  -2.810  1.00 34.84  ? 6   A   A N3    1 
ATOM   131 C  C4    . A   A 1 6 ? 5.196   -1.997  -2.084  1.00 35.90  ? 6   A   A C4    1 
ATOM   132 P  P     . G   A 1 7 ? 10.271  -5.406  -2.102  1.00 46.78  ? 7   G   A P     1 
ATOM   133 O  OP1   . G   A 1 7 ? 11.640  -6.120  -2.530  1.00 46.70  ? 7   G   A OP1   1 
ATOM   134 O  OP2   . G   A 1 7 ? 9.689   -5.601  -0.608  1.00 47.95  ? 7   G   A OP2   1 
ATOM   135 O  "O5'" . G   A 1 7 ? 10.551  -3.797  -2.118  1.00 43.96  ? 7   G   A "O5'" 1 
ATOM   136 C  "C5'" . G   A 1 7 ? 10.919  -3.239  -3.332  1.00 42.28  ? 7   G   A "C5'" 1 
ATOM   137 C  "C4'" . G   A 1 7 ? 10.834  -1.680  -3.257  1.00 40.70  ? 7   G   A "C4'" 1 
ATOM   138 O  "O4'" . G   A 1 7 ? 9.456   -1.264  -3.070  1.00 40.02  ? 7   G   A "O4'" 1 
ATOM   139 C  "C3'" . G   A 1 7 ? 11.573  -1.002  -2.115  1.00 39.73  ? 7   G   A "C3'" 1 
ATOM   140 O  "O3'" . G   A 1 7 ? 12.911  -0.786  -2.362  1.00 41.00  ? 7   G   A "O3'" 1 
ATOM   141 C  "C2'" . G   A 1 7 ? 10.879  0.347   -2.069  1.00 39.20  ? 7   G   A "C2'" 1 
ATOM   142 O  "O2'" . G   A 1 7 ? 11.384  1.178   -3.089  1.00 39.92  ? 7   G   A "O2'" 1 
ATOM   143 C  "C1'" . G   A 1 7 ? 9.421   -0.051  -2.329  1.00 39.24  ? 7   G   A "C1'" 1 
ATOM   144 N  N9    . G   A 1 7 ? 8.696   -0.296  -1.084  1.00 36.15  ? 7   G   A N9    1 
ATOM   145 C  C8    . G   A 1 7 ? 8.438   -1.515  -0.503  1.00 37.38  ? 7   G   A C8    1 
ATOM   146 N  N7    . G   A 1 7 ? 7.793   -1.421  0.628   1.00 37.31  ? 7   G   A N7    1 
ATOM   147 C  C5    . G   A 1 7 ? 7.606   -0.057  0.802   1.00 34.73  ? 7   G   A C5    1 
ATOM   148 C  C6    . G   A 1 7 ? 6.966   0.661   1.854   1.00 34.12  ? 7   G   A C6    1 
ATOM   149 O  O6    . G   A 1 7 ? 6.435   0.223   2.883   1.00 32.10  ? 7   G   A O6    1 
ATOM   150 N  N1    . G   A 1 7 ? 6.991   2.026   1.625   1.00 33.64  ? 7   G   A N1    1 
ATOM   151 C  C2    . G   A 1 7 ? 7.567   2.637   0.543   1.00 34.00  ? 7   G   A C2    1 
ATOM   152 N  N2    . G   A 1 7 ? 7.475   3.970   0.521   1.00 30.70  ? 7   G   A N2    1 
ATOM   153 N  N3    . G   A 1 7 ? 8.179   1.987   -0.440  1.00 34.51  ? 7   G   A N3    1 
ATOM   154 C  C4    . G   A 1 7 ? 8.155   0.652   -0.248  1.00 35.27  ? 7   G   A C4    1 
ATOM   155 P  P     . A   A 1 8 ? 13.912  -0.464  -1.141  1.00 37.79  ? 8   A   A P     1 
ATOM   156 O  OP1   . A   A 1 8 ? 15.419  -0.365  -1.699  1.00 41.72  ? 8   A   A OP1   1 
ATOM   157 O  OP2   . A   A 1 8 ? 13.587  -1.360  0.154   1.00 41.47  ? 8   A   A OP2   1 
ATOM   158 O  "O5'" . A   A 1 8 ? 13.502  1.044   -0.622  1.00 37.86  ? 8   A   A "O5'" 1 
ATOM   159 C  "C5'" . A   A 1 8 ? 13.946  2.121   -1.388  1.00 36.61  ? 8   A   A "C5'" 1 
ATOM   160 C  "C4'" . A   A 1 8 ? 13.661  3.493   -0.657  1.00 36.70  ? 8   A   A "C4'" 1 
ATOM   161 O  "O4'" . A   A 1 8 ? 12.235  3.775   -0.582  1.00 39.58  ? 8   A   A "O4'" 1 
ATOM   162 C  "C3'" . A   A 1 8 ? 14.162  3.667   0.769   1.00 35.78  ? 8   A   A "C3'" 1 
ATOM   163 O  "O3'" . A   A 1 8 ? 15.496  4.005   0.866   1.00 32.29  ? 8   A   A "O3'" 1 
ATOM   164 C  "C2'" . A   A 1 8 ? 13.286  4.812   1.258   1.00 35.95  ? 8   A   A "C2'" 1 
ATOM   165 O  "O2'" . A   A 1 8 ? 13.706  6.073   0.782   1.00 36.55  ? 8   A   A "O2'" 1 
ATOM   166 C  "C1'" . A   A 1 8 ? 11.935  4.416   0.658   1.00 37.29  ? 8   A   A "C1'" 1 
ATOM   167 N  N9    . A   A 1 8 ? 11.243  3.443   1.503   1.00 35.42  ? 8   A   A N9    1 
ATOM   168 C  C8    . A   A 1 8 ? 11.226  2.086   1.322   1.00 34.49  ? 8   A   A C8    1 
ATOM   169 N  N7    . A   A 1 8 ? 10.551  1.436   2.237   1.00 35.38  ? 8   A   A N7    1 
ATOM   170 C  C5    . A   A 1 8 ? 10.083  2.435   3.079   1.00 32.48  ? 8   A   A C5    1 
ATOM   171 C  C6    . A   A 1 8 ? 9.306   2.388   4.254   1.00 30.12  ? 8   A   A C6    1 
ATOM   172 N  N6    . A   A 1 8 ? 8.825   1.254   4.772   1.00 28.10  ? 8   A   A N6    1 
ATOM   173 N  N1    . A   A 1 8 ? 9.035   3.559   4.874   1.00 27.97  ? 8   A   A N1    1 
ATOM   174 C  C2    . A   A 1 8 ? 9.501   4.695   4.328   1.00 32.26  ? 8   A   A C2    1 
ATOM   175 N  N3    . A   A 1 8 ? 10.233  4.864   3.218   1.00 32.94  ? 8   A   A N3    1 
ATOM   176 C  C4    . A   A 1 8 ? 10.496  3.679   2.638   1.00 32.66  ? 8   A   A C4    1 
ATOM   177 P  P     . G   A 1 9 ? 16.350  3.526   2.140   1.00 33.80  ? 9   G   A P     1 
ATOM   178 O  OP1   . G   A 1 9 ? 17.866  3.981   1.940   1.00 33.19  ? 9   G   A OP1   1 
ATOM   179 O  OP2   . G   A 1 9 ? 16.014  2.032   2.560   1.00 29.58  ? 9   G   A OP2   1 
ATOM   180 O  "O5'" . G   A 1 9 ? 15.750  4.381   3.423   1.00 29.64  ? 9   G   A "O5'" 1 
ATOM   181 C  "C5'" . G   A 1 9 ? 15.972  5.759   3.407   1.00 31.66  ? 9   G   A "C5'" 1 
ATOM   182 C  "C4'" . G   A 1 9 ? 15.330  6.432   4.670   1.00 33.11  ? 9   G   A "C4'" 1 
ATOM   183 O  "O4'" . G   A 1 9 ? 13.885  6.303   4.614   1.00 32.61  ? 9   G   A "O4'" 1 
ATOM   184 C  "C3'" . G   A 1 9 ? 15.704  5.841   6.021   1.00 34.12  ? 9   G   A "C3'" 1 
ATOM   185 O  "O3'" . G   A 1 9 ? 17.017  6.161   6.471   1.00 35.94  ? 9   G   A "O3'" 1 
ATOM   186 C  "C2'" . G   A 1 9 ? 14.532  6.280   6.887   1.00 34.54  ? 9   G   A "C2'" 1 
ATOM   187 O  "O2'" . G   A 1 9 ? 14.568  7.636   7.281   1.00 33.53  ? 9   G   A "O2'" 1 
ATOM   188 C  "C1'" . G   A 1 9 ? 13.375  6.073   5.914   1.00 32.12  ? 9   G   A "C1'" 1 
ATOM   189 N  N9    . G   A 1 9 ? 12.867  4.709   5.977   1.00 30.88  ? 9   G   A N9    1 
ATOM   190 C  C8    . G   A 1 9 ? 13.199  3.644   5.175   1.00 29.08  ? 9   G   A C8    1 
ATOM   191 N  N7    . G   A 1 9 ? 12.592  2.540   5.514   1.00 28.33  ? 9   G   A N7    1 
ATOM   192 C  C5    . G   A 1 9 ? 11.806  2.903   6.600   1.00 27.72  ? 9   G   A C5    1 
ATOM   193 C  C6    . G   A 1 9 ? 10.927  2.132   7.398   1.00 26.62  ? 9   G   A C6    1 
ATOM   194 O  O6    . G   A 1 9 ? 10.671  0.922   7.325   1.00 24.68  ? 9   G   A O6    1 
ATOM   195 N  N1    . G   A 1 9 ? 10.325  2.906   8.385   1.00 26.71  ? 9   G   A N1    1 
ATOM   196 C  C2    . G   A 1 9 ? 10.552  4.242   8.595   1.00 28.46  ? 9   G   A C2    1 
ATOM   197 N  N2    . G   A 1 9 ? 9.884   4.806   9.614   1.00 24.92  ? 9   G   A N2    1 
ATOM   198 N  N3    . G   A 1 9 ? 11.377  4.972   7.861   1.00 29.12  ? 9   G   A N3    1 
ATOM   199 C  C4    . G   A 1 9 ? 11.961  4.242   6.889   1.00 28.40  ? 9   G   A C4    1 
HETATM 200 N  N1    . 5CM B 2 1 ? 7.484   1.775   12.370  1.00 33.07  ? 1   5CM B N1    1 
HETATM 201 C  C2    . 5CM B 2 1 ? 8.288   2.355   11.377  1.00 31.97  ? 1   5CM B C2    1 
HETATM 202 N  N3    . 5CM B 2 1 ? 8.763   1.582   10.376  1.00 31.33  ? 1   5CM B N3    1 
HETATM 203 C  C4    . 5CM B 2 1 ? 8.457   0.285   10.334  1.00 33.04  ? 1   5CM B C4    1 
HETATM 204 C  C5    . 5CM B 2 1 ? 7.616   -0.326  11.314  1.00 32.96  ? 1   5CM B C5    1 
HETATM 205 C  C5A   . 5CM B 2 1 ? 7.282   -1.778  11.186  1.00 35.01  ? 1   5CM B C5A   1 
HETATM 206 C  C6    . 5CM B 2 1 ? 7.161   0.448   12.309  1.00 33.38  ? 1   5CM B C6    1 
HETATM 207 O  O2    . 5CM B 2 1 ? 8.541   3.564   11.437  1.00 28.20  ? 1   5CM B O2    1 
HETATM 208 N  N4    . 5CM B 2 1 ? 8.970   -0.447  9.340   1.00 31.67  ? 1   5CM B N4    1 
HETATM 209 C  "C1'" . 5CM B 2 1 ? 7.007   2.616   13.483  1.00 35.29  ? 1   5CM B "C1'" 1 
HETATM 210 C  "C2'" . 5CM B 2 1 ? 5.862   3.556   13.118  1.00 35.58  ? 1   5CM B "C2'" 1 
HETATM 211 C  "C3'" . 5CM B 2 1 ? 4.653   2.681   13.388  1.00 37.43  ? 1   5CM B "C3'" 1 
HETATM 212 C  "C4'" . 5CM B 2 1 ? 5.082   1.936   14.647  1.00 36.62  ? 1   5CM B "C4'" 1 
HETATM 213 O  "O4'" . 5CM B 2 1 ? 6.512   1.748   14.501  1.00 35.18  ? 1   5CM B "O4'" 1 
HETATM 214 O  "O3'" . 5CM B 2 1 ? 3.478   3.464   13.630  1.00 36.58  ? 1   5CM B "O3'" 1 
HETATM 215 C  "C5'" . 5CM B 2 1 ? 4.395   0.610   14.871  1.00 38.82  ? 1   5CM B "C5'" 1 
HETATM 216 O  "O5'" . 5CM B 2 1 ? 4.507   -0.242  13.731  1.00 39.63  ? 1   5CM B "O5'" 1 
ATOM   217 P  P     . DT  B 2 2 ? 2.600   3.992   12.390  1.00 36.78  ? 2   DT  B P     1 
ATOM   218 O  OP1   . DT  B 2 2 ? 1.399   4.926   12.888  1.00 35.10  ? 2   DT  B OP1   1 
ATOM   219 O  OP2   . DT  B 2 2 ? 2.335   2.838   11.299  1.00 36.51  ? 2   DT  B OP2   1 
ATOM   220 O  "O5'" . DT  B 2 2 ? 3.605   4.970   11.550  1.00 34.06  ? 2   DT  B "O5'" 1 
ATOM   221 C  "C5'" . DT  B 2 2 ? 3.971   6.254   12.052  1.00 34.24  ? 2   DT  B "C5'" 1 
ATOM   222 C  "C4'" . DT  B 2 2 ? 4.868   6.960   11.063  1.00 35.21  ? 2   DT  B "C4'" 1 
ATOM   223 O  "O4'" . DT  B 2 2 ? 6.091   6.211   10.889  1.00 33.57  ? 2   DT  B "O4'" 1 
ATOM   224 C  "C3'" . DT  B 2 2 ? 4.315   7.071   9.649   1.00 35.27  ? 2   DT  B "C3'" 1 
ATOM   225 O  "O3'" . DT  B 2 2 ? 3.413   8.164   9.518   1.00 39.85  ? 2   DT  B "O3'" 1 
ATOM   226 C  "C2'" . DT  B 2 2 ? 5.576   7.327   8.851   1.00 35.74  ? 2   DT  B "C2'" 1 
ATOM   227 C  "C1'" . DT  B 2 2 ? 6.562   6.392   9.546   1.00 33.67  ? 2   DT  B "C1'" 1 
ATOM   228 N  N1    . DT  B 2 2 ? 6.642   5.072   8.901   1.00 32.16  ? 2   DT  B N1    1 
ATOM   229 C  C2    . DT  B 2 2 ? 7.448   4.958   7.793   1.00 31.45  ? 2   DT  B C2    1 
ATOM   230 O  O2    . DT  B 2 2 ? 8.047   5.900   7.309   1.00 31.06  ? 2   DT  B O2    1 
ATOM   231 N  N3    . DT  B 2 2 ? 7.520   3.700   7.267   1.00 30.79  ? 2   DT  B N3    1 
ATOM   232 C  C4    . DT  B 2 2 ? 6.878   2.569   7.720   1.00 31.13  ? 2   DT  B C4    1 
ATOM   233 O  O4    . DT  B 2 2 ? 7.078   1.496   7.167   1.00 31.30  ? 2   DT  B O4    1 
ATOM   234 C  C5    . DT  B 2 2 ? 6.010   2.765   8.858   1.00 30.14  ? 2   DT  B C5    1 
ATOM   235 C  C7    . DT  B 2 2 ? 5.231   1.599   9.384   1.00 31.43  ? 2   DT  B C7    1 
ATOM   236 C  C6    . DT  B 2 2 ? 5.943   3.991   9.391   1.00 29.87  ? 2   DT  B C6    1 
ATOM   237 P  P     . DC  B 2 3 ? 2.164   8.029   8.517   1.00 40.35  ? 3   DC  B P     1 
ATOM   238 O  OP1   . DC  B 2 3 ? 1.157   9.255   8.701   1.00 42.98  ? 3   DC  B OP1   1 
ATOM   239 O  OP2   . DC  B 2 3 ? 1.620   6.519   8.486   1.00 40.54  ? 3   DC  B OP2   1 
ATOM   240 O  "O5'" . DC  B 2 3 ? 2.809   8.157   7.016   1.00 40.92  ? 3   DC  B "O5'" 1 
ATOM   241 C  "C5'" . DC  B 2 3 ? 3.533   9.322   6.639   1.00 40.27  ? 3   DC  B "C5'" 1 
ATOM   242 C  "C4'" . DC  B 2 3 ? 4.448   9.016   5.478   1.00 39.17  ? 3   DC  B "C4'" 1 
ATOM   243 O  "O4'" . DC  B 2 3 ? 5.349   7.936   5.803   1.00 39.68  ? 3   DC  B "O4'" 1 
ATOM   244 C  "C3'" . DC  B 2 3 ? 3.762   8.523   4.214   1.00 38.61  ? 3   DC  B "C3'" 1 
ATOM   245 O  "O3'" . DC  B 2 3 ? 3.162   9.595   3.496   1.00 38.98  ? 3   DC  B "O3'" 1 
ATOM   246 C  "C2'" . DC  B 2 3 ? 4.931   7.932   3.457   1.00 37.13  ? 3   DC  B "C2'" 1 
ATOM   247 C  "C1'" . DC  B 2 3 ? 5.732   7.282   4.588   1.00 36.70  ? 3   DC  B "C1'" 1 
ATOM   248 N  N1    . DC  B 2 3 ? 5.455   5.844   4.717   1.00 33.35  ? 3   DC  B N1    1 
ATOM   249 C  C2    . DC  B 2 3 ? 6.088   4.981   3.830   1.00 32.55  ? 3   DC  B C2    1 
ATOM   250 O  O2    . DC  B 2 3 ? 6.823   5.465   2.963   1.00 31.73  ? 3   DC  B O2    1 
ATOM   251 N  N3    . DC  B 2 3 ? 5.874   3.648   3.922   1.00 32.20  ? 3   DC  B N3    1 
ATOM   252 C  C4    . DC  B 2 3 ? 5.049   3.172   4.851   1.00 30.05  ? 3   DC  B C4    1 
ATOM   253 N  N4    . DC  B 2 3 ? 4.868   1.846   4.902   1.00 27.45  ? 3   DC  B N4    1 
ATOM   254 C  C5    . DC  B 2 3 ? 4.369   4.035   5.767   1.00 30.07  ? 3   DC  B C5    1 
ATOM   255 C  C6    . DC  B 2 3 ? 4.602   5.355   5.665   1.00 32.08  ? 3   DC  B C6    1 
ATOM   256 P  P     . DT  B 2 4 ? 1.933   9.288   2.512   1.00 39.45  ? 4   DT  B P     1 
ATOM   257 O  OP1   . DT  B 2 4 ? 1.276   10.663  2.016   1.00 41.81  ? 4   DT  B OP1   1 
ATOM   258 O  OP2   . DT  B 2 4 ? 1.008   8.092   3.055   1.00 38.98  ? 4   DT  B OP2   1 
ATOM   259 O  "O5'" . DT  B 2 4 ? 2.638   8.581   1.202   1.00 37.68  ? 4   DT  B "O5'" 1 
ATOM   260 C  "C5'" . DT  B 2 4 ? 3.587   9.299   0.408   1.00 36.35  ? 4   DT  B "C5'" 1 
ATOM   261 C  "C4'" . DT  B 2 4 ? 4.082   8.443   -0.735  1.00 35.06  ? 4   DT  B "C4'" 1 
ATOM   262 O  "O4'" . DT  B 2 4 ? 4.891   7.351   -0.251  1.00 35.80  ? 4   DT  B "O4'" 1 
ATOM   263 C  "C3'" . DT  B 2 4 ? 3.005   7.769   -1.568  1.00 34.34  ? 4   DT  B "C3'" 1 
ATOM   264 O  "O3'" . DT  B 2 4 ? 2.476   8.664   -2.540  1.00 35.46  ? 4   DT  B "O3'" 1 
ATOM   265 C  "C2'" . DT  B 2 4 ? 3.779   6.645   -2.223  1.00 34.60  ? 4   DT  B "C2'" 1 
ATOM   266 C  "C1'" . DT  B 2 4 ? 4.714   6.215   -1.099  1.00 33.30  ? 4   DT  B "C1'" 1 
ATOM   267 N  N1    . DT  B 2 4 ? 4.186   5.114   -0.275  1.00 32.50  ? 4   DT  B N1    1 
ATOM   268 C  C2    . DT  B 2 4 ? 4.438   3.826   -0.695  1.00 31.26  ? 4   DT  B C2    1 
ATOM   269 O  O2    . DT  B 2 4 ? 5.054   3.567   -1.719  1.00 33.21  ? 4   DT  B O2    1 
ATOM   270 N  N3    . DT  B 2 4 ? 3.943   2.850   0.127   1.00 29.47  ? 4   DT  B N3    1 
ATOM   271 C  C4    . DT  B 2 4 ? 3.237   3.027   1.305   1.00 28.45  ? 4   DT  B C4    1 
ATOM   272 O  O4    . DT  B 2 4 ? 2.880   2.057   1.946   1.00 26.16  ? 4   DT  B O4    1 
ATOM   273 C  C5    . DT  B 2 4 ? 2.992   4.403   1.680   1.00 28.90  ? 4   DT  B C5    1 
ATOM   274 C  C7    . DT  B 2 4 ? 2.222   4.687   2.933   1.00 28.07  ? 4   DT  B C7    1 
ATOM   275 C  C6    . DT  B 2 4 ? 3.471   5.366   0.879   1.00 28.26  ? 4   DT  B C6    1 
ATOM   276 P  P     . DT  B 2 5 ? 1.007   8.402   -3.136  1.00 32.37  ? 5   DT  B P     1 
ATOM   277 O  OP1   . DT  B 2 5 ? 0.572   9.673   -4.003  1.00 34.35  ? 5   DT  B OP1   1 
ATOM   278 O  OP2   . DT  B 2 5 ? 0.029   7.812   -2.012  1.00 34.12  ? 5   DT  B OP2   1 
ATOM   279 O  "O5'" . DT  B 2 5 ? 1.199   7.124   -4.168  1.00 34.59  ? 5   DT  B "O5'" 1 
ATOM   280 C  "C5'" . DT  B 2 5 ? 1.986   7.273   -5.362  1.00 31.66  ? 5   DT  B "C5'" 1 
ATOM   281 C  "C4'" . DT  B 2 5 ? 2.307   5.931   -5.980  1.00 30.90  ? 5   DT  B "C4'" 1 
ATOM   282 O  "O4'" . DT  B 2 5 ? 3.074   5.098   -5.085  1.00 29.88  ? 5   DT  B "O4'" 1 
ATOM   283 C  "C3'" . DT  B 2 5 ? 1.133   5.051   -6.395  1.00 30.68  ? 5   DT  B "C3'" 1 
ATOM   284 O  "O3'" . DT  B 2 5 ? 0.572   5.475   -7.640  1.00 30.77  ? 5   DT  B "O3'" 1 
ATOM   285 C  "C2'" . DT  B 2 5 ? 1.801   3.696   -6.523  1.00 29.38  ? 5   DT  B "C2'" 1 
ATOM   286 C  "C1'" . DT  B 2 5 ? 2.793   3.720   -5.360  1.00 30.01  ? 5   DT  B "C1'" 1 
ATOM   287 N  N1    . DT  B 2 5 ? 2.258   3.112   -4.130  1.00 28.30  ? 5   DT  B N1    1 
ATOM   288 C  C2    . DT  B 2 5 ? 2.468   1.769   -3.939  1.00 28.00  ? 5   DT  B C2    1 
ATOM   289 O  O2    . DT  B 2 5 ? 3.060   1.061   -4.737  1.00 28.22  ? 5   DT  B O2    1 
ATOM   290 N  N3    . DT  B 2 5 ? 1.959   1.274   -2.772  1.00 27.57  ? 5   DT  B N3    1 
ATOM   291 C  C4    . DT  B 2 5 ? 1.273   1.967   -1.797  1.00 28.00  ? 5   DT  B C4    1 
ATOM   292 O  O4    . DT  B 2 5 ? 0.883   1.376   -0.803  1.00 28.28  ? 5   DT  B O4    1 
ATOM   293 C  C5    . DT  B 2 5 ? 1.078   3.371   -2.059  1.00 28.29  ? 5   DT  B C5    1 
ATOM   294 C  C7    . DT  B 2 5 ? 0.343   4.203   -1.054  1.00 27.83  ? 5   DT  B C7    1 
ATOM   295 C  C6    . DT  B 2 5 ? 1.573   3.870   -3.203  1.00 29.87  ? 5   DT  B C6    1 
ATOM   296 P  P     . DC  B 2 6 ? -0.924  5.006   -8.040  1.00 29.80  ? 6   DC  B P     1 
ATOM   297 O  OP1   . DC  B 2 6 ? -1.428  5.764   -9.340  1.00 31.35  ? 6   DC  B OP1   1 
ATOM   298 O  OP2   . DC  B 2 6 ? -1.878  4.880   -6.755  1.00 27.13  ? 6   DC  B OP2   1 
ATOM   299 O  "O5'" . DC  B 2 6 ? -0.760  3.444   -8.468  1.00 29.84  ? 6   DC  B "O5'" 1 
ATOM   300 C  "C5'" . DC  B 2 6 ? -0.011  3.084   -9.620  1.00 30.84  ? 6   DC  B "C5'" 1 
ATOM   301 C  "C4'" . DC  B 2 6 ? -0.053  1.589   -9.811  1.00 30.98  ? 6   DC  B "C4'" 1 
ATOM   302 O  "O4'" . DC  B 2 6 ? 0.683   0.925   -8.758  1.00 31.78  ? 6   DC  B "O4'" 1 
ATOM   303 C  "C3'" . DC  B 2 6 ? -1.454  0.998   -9.719  1.00 29.61  ? 6   DC  B "C3'" 1 
ATOM   304 O  "O3'" . DC  B 2 6 ? -2.133  1.138   -10.966 1.00 31.15  ? 6   DC  B "O3'" 1 
ATOM   305 C  "C2'" . DC  B 2 6 ? -1.149  -0.448  -9.394  1.00 31.01  ? 6   DC  B "C2'" 1 
ATOM   306 C  "C1'" . DC  B 2 6 ? 0.023   -0.291  -8.421  1.00 31.37  ? 6   DC  B "C1'" 1 
ATOM   307 N  N1    . DC  B 2 6 ? -0.387  -0.198  -7.014  1.00 28.57  ? 6   DC  B N1    1 
ATOM   308 C  C2    . DC  B 2 6 ? -0.526  -1.376  -6.298  1.00 28.86  ? 6   DC  B C2    1 
ATOM   309 O  O2    . DC  B 2 6 ? -0.309  -2.456  -6.883  1.00 27.46  ? 6   DC  B O2    1 
ATOM   310 N  N3    . DC  B 2 6 ? -0.887  -1.323  -4.999  1.00 27.89  ? 6   DC  B N3    1 
ATOM   311 C  C4    . DC  B 2 6 ? -1.104  -0.142  -4.413  1.00 28.75  ? 6   DC  B C4    1 
ATOM   312 N  N4    . DC  B 2 6 ? -1.455  -0.141  -3.120  1.00 28.88  ? 6   DC  B N4    1 
ATOM   313 C  C5    . DC  B 2 6 ? -0.973  1.086   -5.122  1.00 28.05  ? 6   DC  B C5    1 
ATOM   314 C  C6    . DC  B 2 6 ? -0.620  1.013   -6.413  1.00 29.68  ? 6   DC  B C6    1 
ATOM   315 P  P     . DT  B 2 7 ? -3.717  1.433   -10.987 1.00 31.54  ? 7   DT  B P     1 
ATOM   316 O  OP1   . DT  B 2 7 ? -4.169  1.588   -12.510 1.00 31.86  ? 7   DT  B OP1   1 
ATOM   317 O  OP2   . DT  B 2 7 ? -4.208  2.487   -9.894  1.00 29.23  ? 7   DT  B OP2   1 
ATOM   318 O  "O5'" . DT  B 2 7 ? -4.377  0.059   -10.443 1.00 29.58  ? 7   DT  B "O5'" 1 
ATOM   319 C  "C5'" . DT  B 2 7 ? -4.165  -1.162  -11.149 1.00 30.73  ? 7   DT  B "C5'" 1 
ATOM   320 C  "C4'" . DT  B 2 7 ? -4.576  -2.336  -10.300 1.00 28.82  ? 7   DT  B "C4'" 1 
ATOM   321 O  "O4'" . DT  B 2 7 ? -3.761  -2.385  -9.112  1.00 29.58  ? 7   DT  B "O4'" 1 
ATOM   322 C  "C3'" . DT  B 2 7 ? -6.006  -2.292  -9.782  1.00 28.07  ? 7   DT  B "C3'" 1 
ATOM   323 O  "O3'" . DT  B 2 7 ? -6.901  -2.803  -10.772 1.00 29.02  ? 7   DT  B "O3'" 1 
ATOM   324 C  "C2'" . DT  B 2 7 ? -5.923  -3.223  -8.595  1.00 27.92  ? 7   DT  B "C2'" 1 
ATOM   325 C  "C1'" . DT  B 2 7 ? -4.532  -2.917  -8.039  1.00 27.86  ? 7   DT  B "C1'" 1 
ATOM   326 N  N1    . DT  B 2 7 ? -4.534  -1.934  -6.926  1.00 23.83  ? 7   DT  B N1    1 
ATOM   327 C  C2    . DT  B 2 7 ? -4.717  -2.450  -5.666  1.00 24.28  ? 7   DT  B C2    1 
ATOM   328 O  O2    . DT  B 2 7 ? -4.864  -3.643  -5.460  1.00 22.24  ? 7   DT  B O2    1 
ATOM   329 N  N3    . DT  B 2 7 ? -4.719  -1.518  -4.651  1.00 22.10  ? 7   DT  B N3    1 
ATOM   330 C  C4    . DT  B 2 7 ? -4.544  -0.154  -4.767  1.00 23.99  ? 7   DT  B C4    1 
ATOM   331 O  O4    . DT  B 2 7 ? -4.540  0.553   -3.748  1.00 23.16  ? 7   DT  B O4    1 
ATOM   332 C  C5    . DT  B 2 7 ? -4.360  0.327   -6.126  1.00 24.34  ? 7   DT  B C5    1 
ATOM   333 C  C7    . DT  B 2 7 ? -4.166  1.796   -6.355  1.00 26.67  ? 7   DT  B C7    1 
ATOM   334 C  C6    . DT  B 2 7 ? -4.365  -0.579  -7.126  1.00 24.76  ? 7   DT  B C6    1 
ATOM   335 P  P     . DT  B 2 8 ? -8.460  -2.401  -10.734 1.00 30.37  ? 8   DT  B P     1 
ATOM   336 O  OP1   . DT  B 2 8 ? -9.142  -2.881  -12.097 1.00 30.75  ? 8   DT  B OP1   1 
ATOM   337 O  OP2   . DT  B 2 8 ? -8.739  -0.922  -10.161 1.00 29.23  ? 8   DT  B OP2   1 
ATOM   338 O  "O5'" . DT  B 2 8 ? -9.101  -3.323  -9.541  1.00 28.29  ? 8   DT  B "O5'" 1 
ATOM   339 C  "C5'" . DT  B 2 8 ? -9.064  -4.747  -9.618  1.00 27.85  ? 8   DT  B "C5'" 1 
ATOM   340 C  "C4'" . DT  B 2 8 ? -9.438  -5.354  -8.287  1.00 28.04  ? 8   DT  B "C4'" 1 
ATOM   341 O  "O4'" . DT  B 2 8 ? -8.444  -5.027  -7.290  1.00 29.98  ? 8   DT  B "O4'" 1 
ATOM   342 C  "C3'" . DT  B 2 8 ? -10.762 -4.880  -7.697  1.00 26.83  ? 8   DT  B "C3'" 1 
ATOM   343 O  "O3'" . DT  B 2 8 ? -11.833 -5.700  -8.184  1.00 29.69  ? 8   DT  B "O3'" 1 
ATOM   344 C  "C2'" . DT  B 2 8 ? -10.564 -5.114  -6.215  1.00 27.39  ? 8   DT  B "C2'" 1 
ATOM   345 C  "C1'" . DT  B 2 8 ? -9.072  -4.872  -6.020  1.00 28.52  ? 8   DT  B "C1'" 1 
ATOM   346 N  N1    . DT  B 2 8 ? -8.768  -3.524  -5.523  1.00 24.77  ? 8   DT  B N1    1 
ATOM   347 C  C2    . DT  B 2 8 ? -8.736  -3.359  -4.163  1.00 26.52  ? 8   DT  B C2    1 
ATOM   348 O  O2    . DT  B 2 8 ? -8.938  -4.274  -3.388  1.00 26.76  ? 8   DT  B O2    1 
ATOM   349 N  N3    . DT  B 2 8 ? -8.450  -2.086  -3.743  1.00 24.99  ? 8   DT  B N3    1 
ATOM   350 C  C4    . DT  B 2 8 ? -8.186  -0.991  -4.538  1.00 25.16  ? 8   DT  B C4    1 
ATOM   351 O  O4    . DT  B 2 8 ? -7.924  0.091   -4.024  1.00 28.34  ? 8   DT  B O4    1 
ATOM   352 C  C5    . DT  B 2 8 ? -8.240  -1.237  -5.965  1.00 24.81  ? 8   DT  B C5    1 
ATOM   353 C  C7    . DT  B 2 8 ? -7.969  -0.104  -6.902  1.00 26.73  ? 8   DT  B C7    1 
ATOM   354 C  C6    . DT  B 2 8 ? -8.528  -2.478  -6.380  1.00 25.93  ? 8   DT  B C6    1 
HETATM 355 N  N1    . 5CM B 2 9 ? -12.708 -3.605  -2.944  1.00 28.12  ? 9   5CM B N1    1 
HETATM 356 C  C2    . 5CM B 2 9 ? -12.389 -2.724  -1.898  1.00 28.86  ? 9   5CM B C2    1 
HETATM 357 N  N3    . 5CM B 2 9 ? -11.912 -1.501  -2.192  1.00 27.66  ? 9   5CM B N3    1 
HETATM 358 C  C4    . 5CM B 2 9 ? -11.779 -1.127  -3.464  1.00 29.98  ? 9   5CM B C4    1 
HETATM 359 C  C5    . 5CM B 2 9 ? -12.153 -1.980  -4.548  1.00 29.54  ? 9   5CM B C5    1 
HETATM 360 C  C5A   . 5CM B 2 9 ? -12.050 -1.473  -5.954  1.00 30.49  ? 9   5CM B C5A   1 
HETATM 361 C  C6    . 5CM B 2 9 ? -12.596 -3.201  -4.244  1.00 28.19  ? 9   5CM B C6    1 
HETATM 362 O  O2    . 5CM B 2 9 ? -12.567 -3.087  -0.726  1.00 28.90  ? 9   5CM B O2    1 
HETATM 363 N  N4    . 5CM B 2 9 ? -11.280 0.069   -3.697  1.00 29.14  ? 9   5CM B N4    1 
HETATM 364 C  "C1'" . 5CM B 2 9 ? -13.154 -4.963  -2.617  1.00 27.98  ? 9   5CM B "C1'" 1 
HETATM 365 C  "C2'" . 5CM B 2 9 ? -14.669 -5.086  -2.431  1.00 29.93  ? 9   5CM B "C2'" 1 
HETATM 366 C  "C3'" . 5CM B 2 9 ? -15.130 -5.469  -3.823  1.00 29.96  ? 9   5CM B "C3'" 1 
HETATM 367 C  "C4'" . 5CM B 2 9 ? -13.999 -6.378  -4.292  1.00 28.56  ? 9   5CM B "C4'" 1 
HETATM 368 O  "O4'" . 5CM B 2 9 ? -12.804 -5.804  -3.717  1.00 30.18  ? 9   5CM B "O4'" 1 
HETATM 369 O  "O3'" . 5CM B 2 9 ? -16.398 -6.128  -3.849  1.00 29.32  ? 9   5CM B "O3'" 1 
HETATM 370 C  "C5'" . 5CM B 2 9 ? -13.844 -6.552  -5.784  1.00 29.15  ? 9   5CM B "C5'" 1 
HETATM 371 O  "O5'" . 5CM B 2 9 ? -13.703 -5.282  -6.430  1.00 26.75  ? 9   5CM B "O5'" 1 
HETATM 372 P  P     . 5CM B 2 9 ? -13.356 -5.189  -8.053  1.00 27.75  ? 9   5CM B P     1 
HETATM 373 O  OP1   . 5CM B 2 9 ? -14.298 -6.240  -8.809  1.00 27.34  ? 9   5CM B OP1   1 
HETATM 374 O  OP2   . 5CM B 2 9 ? -13.506 -3.620  -8.336  1.00 25.66  ? 9   5CM B OP2   1 
HETATM 375 CO CO    . NCO C 3 . ? -9.973  5.451   -2.431  1.00 79.58  ? 101 NCO A CO    1 
HETATM 376 N  N1    . NCO C 3 . ? -11.111 5.384   -0.819  1.00 79.84  ? 101 NCO A N1    1 
HETATM 377 N  N2    . NCO C 3 . ? -8.854  4.001   -1.890  1.00 79.64  ? 101 NCO A N2    1 
HETATM 378 N  N3    . NCO C 3 . ? -8.898  6.835   -1.528  1.00 79.58  ? 101 NCO A N3    1 
HETATM 379 N  N4    . NCO C 3 . ? -11.107 4.136   -3.325  1.00 79.84  ? 101 NCO A N4    1 
HETATM 380 N  N5    . NCO C 3 . ? -8.874  5.602   -4.037  1.00 79.53  ? 101 NCO A N5    1 
HETATM 381 N  N6    . NCO C 3 . ? -11.123 6.886   -3.085  1.00 79.68  ? 101 NCO A N6    1 
HETATM 382 SR SR    . SR  D 4 . ? -1.674  -2.811  3.215   1.00 51.16  2 102 SR  A SR    1 
HETATM 383 SR SR    . SR  E 4 . ? 1.130   6.555   16.898  1.00 101.05 2 101 SR  B SR    1 
HETATM 384 O  O     . HOH F 5 . ? 10.641  3.274   -3.285  1.00 39.65  ? 201 HOH A O     1 
HETATM 385 O  O     . HOH F 5 . ? 8.839   -2.244  -6.695  1.00 57.48  ? 202 HOH A O     1 
HETATM 386 O  O     . HOH F 5 . ? 5.273   -8.766  -6.489  1.00 32.38  ? 203 HOH A O     1 
HETATM 387 O  O     . HOH F 5 . ? -13.161 -0.960  5.094   1.00 34.70  ? 204 HOH A O     1 
HETATM 388 O  O     . HOH F 5 . ? 17.463  0.029   1.232   1.00 43.14  ? 205 HOH A O     1 
HETATM 389 O  O     . HOH F 5 . ? 11.799  -1.069  5.556   1.00 59.53  ? 206 HOH A O     1 
HETATM 390 O  O     . HOH F 5 . ? -7.653  -4.244  10.157  1.00 32.38  ? 207 HOH A O     1 
HETATM 391 O  O     . HOH F 5 . ? -11.383 5.213   -6.001  1.00 53.10  ? 208 HOH A O     1 
HETATM 392 O  O     . HOH F 5 . ? 4.443   -5.208  -7.254  1.00 32.38  ? 209 HOH A O     1 
HETATM 393 O  O     . HOH F 5 . ? 15.628  -3.478  -3.167  1.00 31.06  ? 210 HOH A O     1 
HETATM 394 O  O     . HOH F 5 . ? 13.216  -3.589  2.821   1.00 43.02  ? 211 HOH A O     1 
HETATM 395 O  O     . HOH F 5 . ? 8.495   -9.553  -5.150  1.00 32.38  ? 212 HOH A O     1 
HETATM 396 O  O     . HOH F 5 . ? -0.184  -7.711  1.235   1.00 49.71  ? 213 HOH A O     1 
HETATM 397 O  O     . HOH F 5 . ? -4.105  0.911   1.249   1.00 45.82  ? 214 HOH A O     1 
HETATM 398 O  O     . HOH F 5 . ? -2.749  1.500   3.721   1.00 58.54  ? 215 HOH A O     1 
HETATM 399 O  O     . HOH F 5 . ? -8.420  3.000   -4.719  1.00 42.62  ? 216 HOH A O     1 
HETATM 400 O  O     . HOH F 5 . ? -7.141  3.902   -7.072  1.00 43.55  ? 217 HOH A O     1 
HETATM 401 O  O     . HOH F 5 . ? 12.142  -5.870  -5.034  1.00 49.25  ? 218 HOH A O     1 
HETATM 402 O  O     . HOH F 5 . ? 0.671   -3.728  4.533   1.00 53.10  ? 219 HOH A O     1 
HETATM 403 O  O     . HOH F 5 . ? 11.766  -1.254  1.564   1.00 74.08  ? 220 HOH A O     1 
HETATM 404 O  O     . HOH F 5 . ? 7.316   -3.751  3.384   1.00 66.00  ? 221 HOH A O     1 
HETATM 405 O  O     . HOH F 5 . ? -5.305  4.302   -3.660  1.00 44.41  ? 222 HOH A O     1 
HETATM 406 O  O     . HOH F 5 . ? 0.519   -4.299  1.739   1.00 50.76  ? 223 HOH A O     1 
HETATM 407 O  O     . HOH F 5 . ? -2.958  -4.854  1.978   1.00 32.37  ? 224 HOH A O     1 
HETATM 408 O  O     . HOH F 5 . ? -2.110  -2.111  0.685   1.00 32.37  ? 225 HOH A O     1 
HETATM 409 O  O     . HOH F 5 . ? -1.848  0.041   3.552   1.00 32.37  ? 226 HOH A O     1 
HETATM 410 O  O     . HOH G 5 . ? -1.435  7.877   -8.584  1.00 45.94  ? 201 HOH B O     1 
HETATM 411 O  O     . HOH G 5 . ? -18.175 -5.299  -2.293  1.00 36.88  ? 202 HOH B O     1 
HETATM 412 O  O     . HOH G 5 . ? -10.978 1.658   -5.627  1.00 39.22  ? 203 HOH B O     1 
HETATM 413 O  O     . HOH G 5 . ? -13.144 -1.290  -9.264  1.00 39.14  ? 204 HOH B O     1 
HETATM 414 O  O     . HOH G 5 . ? 7.275   3.149   -3.170  1.00 44.27  ? 205 HOH B O     1 
HETATM 415 O  O     . HOH G 5 . ? 1.955   -3.943  -7.035  1.00 48.13  ? 206 HOH B O     1 
HETATM 416 O  O     . HOH G 5 . ? -12.769 -8.249  -9.879  1.00 34.76  ? 207 HOH B O     1 
HETATM 417 O  O     . HOH G 5 . ? -17.253 -7.360  -6.152  1.00 33.91  ? 208 HOH B O     1 
HETATM 418 O  O     . HOH G 5 . ? -10.971 0.531   -9.137  1.00 32.38  ? 209 HOH B O     1 
HETATM 419 O  O     . HOH G 5 . ? -17.183 -6.870  -8.598  1.00 45.51  ? 210 HOH B O     1 
HETATM 420 O  O     . HOH G 5 . ? -1.517  3.324   12.721  1.00 49.89  ? 211 HOH B O     1 
HETATM 421 O  O     . HOH G 5 . ? -14.358 -3.626  -11.663 1.00 42.68  ? 212 HOH B O     1 
HETATM 422 O  O     . HOH G 5 . ? 7.715   -2.417  14.611  1.00 50.50  ? 213 HOH B O     1 
HETATM 423 O  O     . HOH G 5 . ? -14.019 -1.209  -11.768 1.00 23.63  ? 214 HOH B O     1 
HETATM 424 O  O     . HOH G 5 . ? -3.450  7.631   9.060   1.00 32.37  ? 215 HOH B O     1 
HETATM 425 O  O     . HOH G 5 . ? 6.463   -0.903  7.081   1.00 35.18  ? 216 HOH B O     1 
HETATM 426 O  O     . HOH G 5 . ? 2.573   0.506   11.704  1.00 47.57  ? 217 HOH B O     1 
HETATM 427 O  O     . HOH G 5 . ? 2.408   3.413   8.938   1.00 37.21  ? 218 HOH B O     1 
HETATM 428 O  O     . HOH G 5 . ? -2.277  2.276   -2.398  1.00 35.10  ? 219 HOH B O     1 
HETATM 429 O  O     . HOH G 5 . ? -2.123  6.503   -2.812  1.00 32.33  ? 220 HOH B O     1 
HETATM 430 O  O     . HOH G 5 . ? -1.806  4.412   -4.250  1.00 37.98  ? 221 HOH B O     1 
HETATM 431 O  O     . HOH G 5 . ? -0.237  6.938   0.983   1.00 44.87  ? 222 HOH B O     1 
HETATM 432 O  O     . HOH G 5 . ? -7.997  1.161   -11.096 1.00 43.72  ? 223 HOH B O     1 
HETATM 433 O  O     . HOH G 5 . ? -6.949  3.020   -9.370  1.00 50.49  ? 224 HOH B O     1 
HETATM 434 O  O     . HOH G 5 . ? -1.113  1.365   0.938   1.00 36.08  ? 225 HOH B O     1 
HETATM 435 O  O     . HOH G 5 . ? 6.193   -5.115  10.412  1.00 52.25  ? 226 HOH B O     1 
HETATM 436 O  O     . HOH G 5 . ? -11.376 4.489   -10.385 1.00 70.86  ? 227 HOH B O     1 
HETATM 437 O  O     . HOH G 5 . ? -7.967  -2.140  -20.671 1.00 63.70  ? 228 HOH B O     1 
HETATM 438 O  O     . HOH G 5 . ? -12.216 -6.630  -21.297 1.00 51.94  ? 229 HOH B O     1 
HETATM 439 O  O     . HOH G 5 . ? -2.673  1.560   11.248  1.00 53.30  ? 230 HOH B O     1 
HETATM 440 O  O     . HOH G 5 . ? -2.845  3.947   10.220  1.00 32.37  ? 231 HOH B O     1 
HETATM 441 O  O     . HOH G 5 . ? -5.464  5.364   -12.732 1.00 32.38  ? 232 HOH B O     1 
HETATM 442 O  O     . HOH G 5 . ? -11.760 -4.128  -18.918 1.00 32.38  ? 233 HOH B O     1 
HETATM 443 O  O     . HOH G 5 . ? -2.718  6.405   11.209  1.00 32.38  ? 234 HOH B O     1 
# 
